data_4TMW
#
_entry.id   4TMW
#
_cell.length_a   55.610
_cell.length_b   116.450
_cell.length_c   66.240
_cell.angle_alpha   90.000
_cell.angle_beta   101.150
_cell.angle_gamma   90.000
#
_symmetry.space_group_name_H-M   'P 1 21 1'
#
loop_
_entity.id
_entity.type
_entity.pdbx_description
1 polymer eIF5B
2 non-polymer "GUANOSINE-5'-TRIPHOSPHATE"
3 non-polymer 'SODIUM ION'
4 non-polymer 'MAGNESIUM ION'
5 water water
#
_entity_poly.entity_id   1
_entity_poly.type   'polypeptide(L)'
_entity_poly.pdbx_seq_one_letter_code
;GHMNKDNLRSPICCILGHVDTGKTKLLDKIRQTNVQEGEAGGITQQIGATYFPVEAIKQKTAVVNKDGKFEFKVPGLLII
DTPGHESFSNLRSRGSSLCNIAILVVDIMHGLEPQTIESLRLLRERKTPFVVALNKIDRLYGWKKIENNGFRESFALQNK
AVQNEFRNRLDQVKLQFAEQGFNSELFYENKNFARYVSLVPTSAHTGEGIPDMLKLIVQLCQERMASSLMYLSELQATVL
EVKAIEGFGVTIDVILSNGILREGDRIVLCGLEGPIKTNIRALLTPAPMRELRIKGQYIHHKEVKAAQGVKISAPGLEGA
IAGSRLLVVGPDDDEEELEEEVESD
;
_entity_poly.pdbx_strand_id   A,B
#
loop_
_chem_comp.id
_chem_comp.type
_chem_comp.name
_chem_comp.formula
GTP non-polymer GUANOSINE-5'-TRIPHOSPHATE 'C10 H16 N5 O14 P3'
MG non-polymer 'MAGNESIUM ION' 'Mg 2'
NA non-polymer 'SODIUM ION' 'Na 1'
#
# COMPACT_ATOMS: atom_id res chain seq x y z
N HIS A 2 19.37 34.30 11.83
CA HIS A 2 18.89 33.03 11.31
C HIS A 2 18.25 33.22 9.95
N MET A 3 18.62 34.30 9.26
CA MET A 3 18.13 34.56 7.92
C MET A 3 19.34 34.83 7.04
N ASN A 4 20.12 33.79 6.82
CA ASN A 4 21.35 33.87 6.05
C ASN A 4 21.45 32.66 5.13
N LYS A 5 22.25 32.77 4.09
CA LYS A 5 22.25 31.81 2.98
C LYS A 5 22.55 30.41 3.51
N ASP A 6 23.43 30.35 4.49
CA ASP A 6 23.75 29.09 5.14
C ASP A 6 22.54 28.50 5.85
N ASN A 7 21.59 29.34 6.22
CA ASN A 7 20.36 28.89 6.87
C ASN A 7 19.10 28.78 6.02
N LEU A 8 19.24 28.89 4.70
CA LEU A 8 18.09 28.74 3.82
C LEU A 8 17.49 27.32 3.89
N ARG A 9 16.18 27.26 3.74
CA ARG A 9 15.43 25.99 3.74
C ARG A 9 14.83 25.72 2.35
N SER A 10 14.91 24.48 1.86
CA SER A 10 14.24 24.07 0.63
C SER A 10 12.81 23.74 0.93
N PRO A 11 11.83 24.40 0.32
CA PRO A 11 10.45 24.05 0.74
C PRO A 11 9.92 22.78 0.12
N ILE A 12 8.71 22.41 0.52
CA ILE A 12 8.08 21.16 0.04
C ILE A 12 6.84 21.50 -0.82
N CYS A 13 6.81 20.91 -2.01
CA CYS A 13 5.68 21.02 -2.95
C CYS A 13 5.09 19.65 -3.15
N CYS A 14 3.77 19.55 -2.97
N CYS A 14 3.79 19.47 -2.85
CA CYS A 14 3.02 18.35 -3.34
CA CYS A 14 3.11 18.21 -3.12
C CYS A 14 2.55 18.42 -4.76
C CYS A 14 2.33 18.30 -4.42
N ILE A 15 2.42 17.28 -5.43
N ILE A 15 2.47 17.29 -5.30
CA ILE A 15 1.65 17.27 -6.67
CA ILE A 15 1.64 17.20 -6.53
C ILE A 15 0.45 16.33 -6.47
C ILE A 15 0.39 16.35 -6.27
N LEU A 16 -0.77 16.88 -6.67
CA LEU A 16 -2.07 16.20 -6.40
C LEU A 16 -2.91 16.22 -7.64
N GLY A 17 -3.87 15.29 -7.76
CA GLY A 17 -4.75 15.33 -8.91
C GLY A 17 -5.46 14.00 -9.06
N HIS A 18 -6.46 13.98 -9.93
CA HIS A 18 -7.24 12.79 -10.19
C HIS A 18 -6.37 11.76 -10.89
N VAL A 19 -6.79 10.49 -10.88
CA VAL A 19 -5.96 9.44 -11.42
C VAL A 19 -5.64 9.69 -12.90
N ASP A 20 -4.41 9.41 -13.27
CA ASP A 20 -3.94 9.45 -14.66
C ASP A 20 -3.96 10.84 -15.30
N THR A 21 -3.89 11.88 -14.48
CA THR A 21 -3.89 13.23 -15.02
C THR A 21 -2.50 13.67 -15.48
N GLY A 22 -1.48 12.87 -15.19
CA GLY A 22 -0.12 13.20 -15.56
C GLY A 22 0.86 13.69 -14.50
N LYS A 23 0.53 13.51 -13.22
CA LYS A 23 1.42 14.00 -12.18
C LYS A 23 2.81 13.37 -12.25
N THR A 24 2.87 12.04 -12.33
CA THR A 24 4.16 11.36 -12.46
C THR A 24 4.84 11.64 -13.79
N LYS A 25 4.06 11.66 -14.85
CA LYS A 25 4.67 11.95 -16.18
C LYS A 25 5.30 13.36 -16.22
N LEU A 26 4.68 14.33 -15.58
CA LEU A 26 5.30 15.69 -15.47
C LEU A 26 6.62 15.62 -14.76
N LEU A 27 6.65 14.91 -13.62
CA LEU A 27 7.91 14.80 -12.90
C LEU A 27 8.98 14.02 -13.72
N ASP A 28 8.56 12.97 -14.43
CA ASP A 28 9.50 12.23 -15.29
C ASP A 28 10.11 13.10 -16.38
N LYS A 29 9.33 14.03 -16.92
CA LYS A 29 9.86 14.94 -17.95
C LYS A 29 10.91 15.87 -17.35
N ILE A 30 10.67 16.37 -16.13
CA ILE A 30 11.58 17.26 -15.43
C ILE A 30 12.86 16.48 -15.07
N ARG A 31 12.67 15.34 -14.41
CA ARG A 31 13.82 14.52 -14.01
C ARG A 31 14.57 13.85 -15.17
N GLN A 32 13.93 13.66 -16.33
CA GLN A 32 14.44 12.80 -17.41
C GLN A 32 14.57 11.36 -16.91
N THR A 33 13.45 10.89 -16.33
CA THR A 33 13.32 9.52 -15.83
C THR A 33 12.08 8.87 -16.47
N ASN A 34 11.89 7.58 -16.15
N ASN A 34 11.89 7.58 -16.18
CA ASN A 34 10.80 6.79 -16.69
CA ASN A 34 10.77 6.82 -16.74
C ASN A 34 10.12 6.00 -15.59
C ASN A 34 10.07 6.03 -15.63
N VAL A 35 9.85 6.68 -14.48
CA VAL A 35 9.17 6.03 -13.38
C VAL A 35 7.79 5.51 -13.78
N GLN A 36 7.05 6.31 -14.54
CA GLN A 36 5.68 5.94 -14.84
C GLN A 36 5.62 4.64 -15.64
N GLU A 37 6.55 4.45 -16.57
N GLU A 37 6.55 4.47 -16.58
CA GLU A 37 6.55 3.22 -17.37
CA GLU A 37 6.56 3.26 -17.40
C GLU A 37 6.77 2.01 -16.52
C GLU A 37 6.86 2.01 -16.58
N GLY A 38 7.45 2.18 -15.39
CA GLY A 38 7.75 1.06 -14.51
C GLY A 38 6.64 0.71 -13.51
N GLU A 39 5.67 1.60 -13.37
CA GLU A 39 4.62 1.41 -12.39
C GLU A 39 3.64 0.31 -12.76
N ALA A 40 3.26 -0.49 -11.78
CA ALA A 40 2.23 -1.49 -12.05
C ALA A 40 0.97 -0.72 -12.39
N GLY A 41 0.32 -1.13 -13.48
CA GLY A 41 -0.95 -0.56 -13.86
C GLY A 41 -0.80 0.86 -14.36
N GLY A 42 0.43 1.32 -14.45
CA GLY A 42 0.69 2.71 -14.77
C GLY A 42 0.10 3.65 -13.73
N ILE A 43 -0.01 3.19 -12.49
CA ILE A 43 -0.53 4.03 -11.42
C ILE A 43 0.42 4.12 -10.25
N THR A 44 0.45 5.30 -9.62
CA THR A 44 1.26 5.53 -8.44
C THR A 44 0.55 4.96 -7.20
N GLN A 45 1.26 4.18 -6.41
CA GLN A 45 0.68 3.56 -5.22
C GLN A 45 1.31 3.97 -3.89
N GLN A 46 2.35 4.79 -3.99
N GLN A 46 2.34 4.81 -3.95
CA GLN A 46 3.13 5.23 -2.83
CA GLN A 46 3.04 5.23 -2.75
C GLN A 46 3.39 6.72 -2.91
C GLN A 46 3.52 6.65 -2.91
N ILE A 47 3.74 7.32 -1.78
CA ILE A 47 4.28 8.68 -1.82
C ILE A 47 5.72 8.63 -2.32
N GLY A 48 6.04 9.50 -3.26
CA GLY A 48 7.40 9.60 -3.77
C GLY A 48 7.94 10.96 -3.41
N ALA A 49 9.26 11.06 -3.36
CA ALA A 49 9.91 12.34 -3.12
C ALA A 49 11.14 12.52 -4.03
N THR A 50 11.25 13.71 -4.62
CA THR A 50 12.39 14.02 -5.46
C THR A 50 12.91 15.38 -5.08
N TYR A 51 14.23 15.47 -4.87
CA TYR A 51 14.81 16.79 -4.58
C TYR A 51 15.35 17.48 -5.84
N PHE A 52 14.94 18.72 -6.05
CA PHE A 52 15.40 19.56 -7.19
C PHE A 52 16.26 20.69 -6.65
N PRO A 53 17.57 20.66 -6.89
CA PRO A 53 18.43 21.78 -6.53
C PRO A 53 18.06 22.99 -7.37
N VAL A 54 18.27 24.16 -6.80
CA VAL A 54 17.85 25.37 -7.52
C VAL A 54 18.63 25.50 -8.84
N GLU A 55 19.86 24.96 -8.93
CA GLU A 55 20.58 25.10 -10.22
C GLU A 55 19.74 24.45 -11.33
N ALA A 56 19.19 23.28 -11.04
CA ALA A 56 18.41 22.58 -12.05
C ALA A 56 17.14 23.35 -12.35
N ILE A 57 16.48 23.91 -11.31
CA ILE A 57 15.26 24.69 -11.59
C ILE A 57 15.54 25.91 -12.49
N LYS A 58 16.65 26.59 -12.21
CA LYS A 58 17.07 27.72 -13.05
C LYS A 58 17.27 27.30 -14.52
N GLN A 59 17.90 26.15 -14.74
CA GLN A 59 18.10 25.69 -16.13
C GLN A 59 16.79 25.34 -16.79
N LYS A 60 15.90 24.67 -16.03
CA LYS A 60 14.63 24.20 -16.63
C LYS A 60 13.60 25.31 -16.81
N THR A 61 13.89 26.50 -16.25
CA THR A 61 13.03 27.67 -16.48
C THR A 61 13.67 28.70 -17.39
N ALA A 62 14.85 28.40 -17.94
CA ALA A 62 15.57 29.41 -18.65
C ALA A 62 14.79 29.99 -19.86
N VAL A 63 14.02 29.15 -20.53
CA VAL A 63 13.29 29.62 -21.71
C VAL A 63 12.16 30.59 -21.39
N VAL A 64 11.81 30.68 -20.11
CA VAL A 64 10.86 31.75 -19.70
C VAL A 64 11.52 32.73 -18.71
N ASN A 65 12.85 32.80 -18.76
CA ASN A 65 13.63 33.74 -17.97
C ASN A 65 14.89 34.08 -18.75
N LYS A 66 14.74 34.41 -20.03
CA LYS A 66 15.91 34.40 -20.94
C LYS A 66 17.04 35.36 -20.59
N ASP A 67 16.66 36.50 -20.06
CA ASP A 67 17.69 37.43 -19.70
C ASP A 67 18.37 37.16 -18.37
N GLY A 68 17.90 36.12 -17.69
CA GLY A 68 18.53 35.75 -16.43
C GLY A 68 18.14 36.60 -15.22
N LYS A 69 17.16 37.48 -15.38
CA LYS A 69 16.82 38.42 -14.31
C LYS A 69 15.97 37.95 -13.15
N PHE A 70 15.13 36.91 -13.33
CA PHE A 70 14.21 36.46 -12.25
C PHE A 70 15.05 35.99 -11.06
N GLU A 71 14.72 36.48 -9.87
CA GLU A 71 15.58 36.19 -8.71
C GLU A 71 15.13 34.91 -8.03
N PHE A 72 16.05 33.92 -7.99
CA PHE A 72 15.82 32.67 -7.28
C PHE A 72 16.42 32.79 -5.90
N LYS A 73 15.58 32.60 -4.91
CA LYS A 73 16.00 32.76 -3.53
C LYS A 73 16.03 31.41 -2.82
N VAL A 74 15.24 30.44 -3.26
CA VAL A 74 15.28 29.14 -2.60
C VAL A 74 16.52 28.39 -3.01
N PRO A 75 17.02 27.50 -2.14
CA PRO A 75 18.19 26.65 -2.52
C PRO A 75 17.79 25.44 -3.32
N GLY A 76 16.48 25.17 -3.39
CA GLY A 76 16.00 24.00 -4.06
C GLY A 76 14.58 23.75 -3.54
N LEU A 77 14.00 22.64 -3.97
CA LEU A 77 12.62 22.29 -3.69
C LEU A 77 12.49 20.79 -3.60
N LEU A 78 11.79 20.30 -2.58
CA LEU A 78 11.45 18.86 -2.49
C LEU A 78 10.08 18.68 -3.07
N ILE A 79 9.92 17.81 -4.05
CA ILE A 79 8.57 17.58 -4.63
C ILE A 79 8.05 16.18 -4.27
N ILE A 80 6.85 16.14 -3.66
CA ILE A 80 6.23 14.89 -3.18
C ILE A 80 5.18 14.46 -4.19
N ASP A 81 5.37 13.31 -4.81
CA ASP A 81 4.39 12.76 -5.76
C ASP A 81 3.39 11.94 -4.95
N THR A 82 2.12 11.99 -5.35
CA THR A 82 1.07 11.19 -4.65
C THR A 82 0.17 10.39 -5.61
N PRO A 83 -0.43 9.29 -5.16
CA PRO A 83 -1.40 8.57 -6.01
C PRO A 83 -2.66 9.39 -6.29
N GLY A 84 -3.18 9.24 -7.50
CA GLY A 84 -4.51 9.75 -7.74
C GLY A 84 -5.61 8.71 -7.59
N HIS A 85 -5.30 7.42 -7.68
CA HIS A 85 -6.36 6.41 -7.61
C HIS A 85 -7.18 6.58 -6.33
N GLU A 86 -8.48 6.37 -6.44
N GLU A 86 -8.45 6.24 -6.41
CA GLU A 86 -9.38 6.69 -5.33
CA GLU A 86 -9.38 6.58 -5.35
C GLU A 86 -9.09 5.94 -4.02
C GLU A 86 -8.96 5.91 -4.05
N SER A 87 -8.46 4.76 -4.09
N SER A 87 -8.37 4.72 -4.14
CA SER A 87 -8.21 3.98 -2.86
CA SER A 87 -8.10 3.91 -2.96
C SER A 87 -7.13 4.58 -1.94
C SER A 87 -6.93 4.41 -2.08
N PHE A 88 -6.38 5.55 -2.43
CA PHE A 88 -5.22 6.09 -1.73
C PHE A 88 -5.44 7.47 -1.09
N SER A 89 -6.65 7.69 -0.60
N SER A 89 -6.65 7.70 -0.59
CA SER A 89 -6.94 8.98 0.07
CA SER A 89 -6.95 8.95 0.10
C SER A 89 -6.02 9.25 1.29
C SER A 89 -5.99 9.23 1.26
N ASN A 90 -5.65 8.19 2.01
CA ASN A 90 -4.73 8.33 3.14
C ASN A 90 -3.40 8.95 2.68
N LEU A 91 -2.88 8.54 1.52
CA LEU A 91 -1.60 9.06 1.10
C LEU A 91 -1.71 10.48 0.53
N ARG A 92 -2.82 10.80 -0.10
CA ARG A 92 -3.00 12.21 -0.49
C ARG A 92 -3.08 13.09 0.72
N SER A 93 -3.75 12.63 1.77
N SER A 93 -3.76 12.61 1.76
CA SER A 93 -3.86 13.42 2.99
CA SER A 93 -3.85 13.34 3.03
C SER A 93 -2.48 13.60 3.62
C SER A 93 -2.48 13.59 3.60
N ARG A 94 -1.69 12.51 3.66
CA ARG A 94 -0.35 12.61 4.27
C ARG A 94 0.52 13.55 3.44
N GLY A 95 0.52 13.40 2.12
CA GLY A 95 1.32 14.33 1.31
C GLY A 95 0.92 15.79 1.44
N SER A 96 -0.39 16.04 1.40
N SER A 96 -0.37 16.07 1.41
CA SER A 96 -0.91 17.39 1.59
CA SER A 96 -0.81 17.45 1.55
C SER A 96 -0.49 17.96 2.95
C SER A 96 -0.53 18.00 2.98
N SER A 97 -0.53 17.14 4.00
CA SER A 97 -0.15 17.58 5.35
C SER A 97 1.28 18.01 5.41
N LEU A 98 2.11 17.48 4.54
CA LEU A 98 3.54 17.74 4.62
C LEU A 98 3.97 18.94 3.79
N CYS A 99 3.13 19.34 2.85
CA CYS A 99 3.63 20.35 1.91
C CYS A 99 3.44 21.77 2.38
N ASN A 100 4.24 22.65 1.77
CA ASN A 100 4.07 24.09 2.00
C ASN A 100 3.36 24.76 0.84
N ILE A 101 3.49 24.19 -0.36
CA ILE A 101 2.80 24.67 -1.59
C ILE A 101 2.44 23.45 -2.39
N ALA A 102 1.66 23.61 -3.46
CA ALA A 102 1.28 22.41 -4.22
C ALA A 102 1.08 22.75 -5.70
N ILE A 103 1.13 21.70 -6.50
CA ILE A 103 0.63 21.71 -7.90
C ILE A 103 -0.56 20.78 -7.94
N LEU A 104 -1.69 21.29 -8.44
CA LEU A 104 -2.91 20.50 -8.66
C LEU A 104 -2.98 20.23 -10.14
N VAL A 105 -2.91 18.98 -10.53
CA VAL A 105 -2.92 18.63 -11.98
C VAL A 105 -4.35 18.37 -12.39
N VAL A 106 -4.78 19.02 -13.49
CA VAL A 106 -6.11 18.85 -14.05
C VAL A 106 -5.92 18.47 -15.51
N ASP A 107 -6.49 17.37 -15.99
CA ASP A 107 -6.45 17.09 -17.43
C ASP A 107 -7.32 18.09 -18.15
N ILE A 108 -6.73 18.87 -19.05
CA ILE A 108 -7.50 19.91 -19.79
C ILE A 108 -8.65 19.30 -20.58
N MET A 109 -8.49 18.06 -20.99
CA MET A 109 -9.52 17.32 -21.70
C MET A 109 -10.74 16.96 -20.84
N HIS A 110 -10.52 16.72 -19.55
CA HIS A 110 -11.61 16.29 -18.66
C HIS A 110 -12.13 17.32 -17.66
N GLY A 111 -11.34 18.32 -17.34
CA GLY A 111 -11.72 19.25 -16.30
C GLY A 111 -11.63 18.63 -14.90
N LEU A 112 -12.35 19.22 -13.95
CA LEU A 112 -12.38 18.71 -12.59
C LEU A 112 -13.03 17.33 -12.50
N GLU A 113 -12.43 16.45 -11.72
CA GLU A 113 -12.84 15.06 -11.54
C GLU A 113 -12.86 14.73 -10.05
N PRO A 114 -13.45 13.61 -9.65
CA PRO A 114 -13.69 13.43 -8.21
C PRO A 114 -12.45 13.56 -7.35
N GLN A 115 -11.28 13.04 -7.72
CA GLN A 115 -10.13 13.25 -6.83
C GLN A 115 -9.53 14.63 -6.96
N THR A 116 -9.89 15.38 -8.02
CA THR A 116 -9.58 16.80 -8.01
C THR A 116 -10.36 17.52 -6.87
N ILE A 117 -11.66 17.20 -6.73
CA ILE A 117 -12.49 17.81 -5.72
C ILE A 117 -11.93 17.42 -4.32
N GLU A 118 -11.55 16.15 -4.16
CA GLU A 118 -10.95 15.70 -2.90
C GLU A 118 -9.70 16.54 -2.61
N SER A 119 -8.85 16.68 -3.64
CA SER A 119 -7.59 17.39 -3.46
C SER A 119 -7.84 18.86 -3.14
N LEU A 120 -8.86 19.47 -3.78
CA LEU A 120 -9.20 20.84 -3.45
C LEU A 120 -9.63 21.01 -1.96
N ARG A 121 -10.35 20.03 -1.42
N ARG A 121 -10.34 20.02 -1.42
CA ARG A 121 -10.71 20.07 0.00
CA ARG A 121 -10.71 20.03 0.00
C ARG A 121 -9.46 20.05 0.86
C ARG A 121 -9.46 20.04 0.86
N LEU A 122 -8.49 19.21 0.52
CA LEU A 122 -7.24 19.12 1.30
C LEU A 122 -6.50 20.48 1.26
N LEU A 123 -6.46 21.07 0.07
CA LEU A 123 -5.74 22.35 -0.15
C LEU A 123 -6.42 23.50 0.61
N ARG A 124 -7.75 23.51 0.56
CA ARG A 124 -8.52 24.57 1.22
C ARG A 124 -8.36 24.49 2.72
N GLU A 125 -8.45 23.28 3.25
CA GLU A 125 -8.36 23.04 4.70
C GLU A 125 -7.05 23.60 5.29
N ARG A 126 -5.96 23.42 4.56
CA ARG A 126 -4.66 23.81 5.08
C ARG A 126 -4.23 25.21 4.56
N LYS A 127 -5.08 25.86 3.75
CA LYS A 127 -4.79 27.15 3.14
C LYS A 127 -3.49 27.07 2.32
N THR A 128 -3.29 25.95 1.61
CA THR A 128 -2.04 25.72 0.91
C THR A 128 -1.98 26.51 -0.38
N PRO A 129 -0.99 27.38 -0.58
CA PRO A 129 -0.88 28.03 -1.92
C PRO A 129 -0.66 27.04 -3.00
N PHE A 130 -1.38 27.13 -4.12
CA PHE A 130 -1.16 26.14 -5.16
C PHE A 130 -1.34 26.77 -6.53
N VAL A 131 -0.70 26.14 -7.53
N VAL A 131 -0.69 26.15 -7.52
CA VAL A 131 -0.98 26.43 -8.93
CA VAL A 131 -0.85 26.43 -8.95
C VAL A 131 -1.55 25.20 -9.61
C VAL A 131 -1.54 25.23 -9.59
N VAL A 132 -2.27 25.40 -10.71
CA VAL A 132 -2.86 24.27 -11.43
C VAL A 132 -2.08 24.04 -12.69
N ALA A 133 -1.64 22.80 -12.88
CA ALA A 133 -1.13 22.40 -14.17
C ALA A 133 -2.29 21.89 -14.98
N LEU A 134 -2.64 22.62 -16.02
N LEU A 134 -2.71 22.66 -16.00
CA LEU A 134 -3.71 22.26 -16.88
CA LEU A 134 -3.71 22.23 -16.94
C LEU A 134 -3.09 21.41 -17.99
C LEU A 134 -3.03 21.41 -17.98
N ASN A 135 -3.00 20.12 -17.71
CA ASN A 135 -2.12 19.24 -18.46
C ASN A 135 -2.78 18.57 -19.69
N LYS A 136 -1.91 18.03 -20.55
CA LYS A 136 -2.27 17.29 -21.79
C LYS A 136 -2.71 18.25 -22.90
N ILE A 137 -2.09 19.43 -22.97
CA ILE A 137 -2.45 20.33 -24.07
C ILE A 137 -2.10 19.78 -25.45
N ASP A 138 -1.17 18.80 -25.54
CA ASP A 138 -0.88 18.24 -26.85
C ASP A 138 -2.08 17.44 -27.42
N ARG A 139 -3.10 17.16 -26.58
CA ARG A 139 -4.30 16.50 -27.04
C ARG A 139 -5.29 17.44 -27.69
N LEU A 140 -5.03 18.76 -27.62
CA LEU A 140 -5.83 19.70 -28.43
C LEU A 140 -5.60 19.33 -29.88
N TYR A 141 -6.69 19.18 -30.63
CA TYR A 141 -6.56 18.56 -31.94
C TYR A 141 -5.81 19.48 -32.88
N GLY A 142 -4.66 19.02 -33.37
CA GLY A 142 -3.84 19.81 -34.26
C GLY A 142 -2.69 20.59 -33.57
N TRP A 143 -2.49 20.33 -32.28
CA TRP A 143 -1.40 20.95 -31.50
C TRP A 143 -0.07 20.68 -32.22
N LYS A 144 0.71 21.75 -32.39
N LYS A 144 0.73 21.75 -32.43
CA LYS A 144 2.05 21.66 -32.96
CA LYS A 144 2.05 21.63 -33.07
C LYS A 144 3.07 21.91 -31.87
C LYS A 144 3.14 21.93 -32.04
N LYS A 145 3.94 20.94 -31.62
CA LYS A 145 4.86 21.07 -30.47
C LYS A 145 6.24 21.59 -30.82
N ILE A 146 6.83 22.27 -29.83
CA ILE A 146 8.27 22.54 -29.77
C ILE A 146 8.67 22.01 -28.41
N GLU A 147 9.51 20.98 -28.41
CA GLU A 147 9.80 20.33 -27.13
C GLU A 147 10.35 21.27 -26.07
N ASN A 148 9.77 21.19 -24.85
CA ASN A 148 10.25 21.95 -23.66
C ASN A 148 10.16 23.46 -23.83
N ASN A 149 9.27 23.90 -24.71
CA ASN A 149 9.07 25.35 -24.89
C ASN A 149 8.24 25.98 -23.78
N GLY A 150 8.38 27.28 -23.63
CA GLY A 150 7.38 27.97 -22.79
C GLY A 150 6.02 27.96 -23.45
N PHE A 151 5.00 28.02 -22.59
CA PHE A 151 3.67 27.90 -23.14
C PHE A 151 3.31 29.04 -24.10
N ARG A 152 3.59 30.29 -23.74
CA ARG A 152 3.13 31.37 -24.59
C ARG A 152 3.78 31.32 -25.97
N GLU A 153 5.08 30.99 -26.01
CA GLU A 153 5.75 30.96 -27.31
C GLU A 153 5.14 29.88 -28.20
N SER A 154 4.88 28.70 -27.64
CA SER A 154 4.26 27.68 -28.45
C SER A 154 2.84 28.05 -28.82
N PHE A 155 2.10 28.66 -27.88
CA PHE A 155 0.69 28.95 -28.16
C PHE A 155 0.54 29.92 -29.32
N ALA A 156 1.47 30.86 -29.41
CA ALA A 156 1.41 31.83 -30.48
C ALA A 156 1.56 31.21 -31.88
N LEU A 157 2.16 30.04 -31.95
CA LEU A 157 2.37 29.32 -33.23
C LEU A 157 1.21 28.40 -33.64
N GLN A 158 0.20 28.24 -32.77
CA GLN A 158 -0.92 27.34 -33.11
C GLN A 158 -1.91 27.88 -34.11
N ASN A 159 -2.58 26.99 -34.83
CA ASN A 159 -3.62 27.46 -35.74
C ASN A 159 -4.87 27.90 -34.98
N LYS A 160 -5.77 28.63 -35.67
CA LYS A 160 -6.92 29.28 -35.03
C LYS A 160 -7.87 28.27 -34.35
N ALA A 161 -8.04 27.12 -34.99
CA ALA A 161 -8.84 26.07 -34.34
C ALA A 161 -8.28 25.62 -32.99
N VAL A 162 -6.96 25.41 -32.90
CA VAL A 162 -6.35 24.99 -31.65
C VAL A 162 -6.50 26.12 -30.62
N GLN A 163 -6.28 27.35 -31.03
CA GLN A 163 -6.43 28.47 -30.07
C GLN A 163 -7.87 28.58 -29.55
N ASN A 164 -8.83 28.35 -30.42
CA ASN A 164 -10.24 28.39 -30.04
C ASN A 164 -10.57 27.24 -29.09
N GLU A 165 -10.10 26.04 -29.41
CA GLU A 165 -10.37 24.91 -28.55
C GLU A 165 -9.77 25.16 -27.16
N PHE A 166 -8.54 25.64 -27.16
CA PHE A 166 -7.87 25.91 -25.89
C PHE A 166 -8.71 26.87 -25.05
N ARG A 167 -9.15 27.96 -25.66
N ARG A 167 -9.14 27.96 -25.69
CA ARG A 167 -9.91 28.96 -24.90
CA ARG A 167 -9.94 28.97 -24.99
C ARG A 167 -11.24 28.39 -24.42
C ARG A 167 -11.26 28.36 -24.50
N ASN A 168 -11.91 27.60 -25.25
N ASN A 168 -11.90 27.56 -25.34
CA ASN A 168 -13.16 27.01 -24.78
CA ASN A 168 -13.14 26.88 -24.93
C ASN A 168 -12.93 26.09 -23.56
C ASN A 168 -12.98 26.03 -23.66
N ARG A 169 -11.87 25.28 -23.59
CA ARG A 169 -11.66 24.35 -22.48
C ARG A 169 -11.21 25.10 -21.24
N LEU A 170 -10.37 26.10 -21.45
CA LEU A 170 -9.91 26.96 -20.36
C LEU A 170 -11.14 27.61 -19.67
N ASP A 171 -12.05 28.17 -20.47
CA ASP A 171 -13.23 28.86 -19.88
C ASP A 171 -14.10 27.86 -19.09
N GLN A 172 -14.25 26.63 -19.60
CA GLN A 172 -15.04 25.62 -18.88
C GLN A 172 -14.38 25.30 -17.54
N VAL A 173 -13.07 25.15 -17.54
CA VAL A 173 -12.35 24.80 -16.29
C VAL A 173 -12.45 25.96 -15.30
N LYS A 174 -12.38 27.19 -15.77
CA LYS A 174 -12.50 28.31 -14.83
C LYS A 174 -13.87 28.31 -14.18
N LEU A 175 -14.90 27.99 -14.96
N LEU A 175 -14.91 27.98 -14.96
CA LEU A 175 -16.23 27.94 -14.40
CA LEU A 175 -16.26 27.95 -14.39
C LEU A 175 -16.30 26.87 -13.32
C LEU A 175 -16.35 26.86 -13.34
N GLN A 176 -15.68 25.73 -13.59
CA GLN A 176 -15.70 24.65 -12.64
C GLN A 176 -15.02 25.05 -11.36
N PHE A 177 -13.87 25.71 -11.47
CA PHE A 177 -13.19 26.12 -10.24
C PHE A 177 -14.08 27.13 -9.50
N ALA A 178 -14.75 28.02 -10.21
CA ALA A 178 -15.63 29.00 -9.54
C ALA A 178 -16.74 28.27 -8.76
N GLU A 179 -17.25 27.19 -9.35
CA GLU A 179 -18.30 26.42 -8.68
C GLU A 179 -17.79 25.81 -7.37
N GLN A 180 -16.49 25.54 -7.31
CA GLN A 180 -15.86 24.99 -6.11
C GLN A 180 -15.36 26.08 -5.17
N GLY A 181 -15.63 27.33 -5.50
CA GLY A 181 -15.24 28.44 -4.63
C GLY A 181 -13.85 29.01 -4.88
N PHE A 182 -13.23 28.71 -6.04
CA PHE A 182 -11.90 29.21 -6.35
C PHE A 182 -11.97 30.10 -7.56
N ASN A 183 -11.50 31.33 -7.39
N ASN A 183 -11.53 31.37 -7.46
CA ASN A 183 -11.29 32.13 -8.56
CA ASN A 183 -11.38 32.12 -8.71
C ASN A 183 -9.98 31.73 -9.24
C ASN A 183 -10.01 31.91 -9.28
N SER A 184 -9.99 31.62 -10.56
CA SER A 184 -8.75 31.19 -11.22
C SER A 184 -8.54 32.05 -12.45
N GLU A 185 -7.29 32.18 -12.84
CA GLU A 185 -6.89 32.95 -14.05
C GLU A 185 -5.84 32.18 -14.84
N LEU A 186 -5.86 32.28 -16.15
CA LEU A 186 -4.69 31.82 -16.91
C LEU A 186 -3.48 32.56 -16.37
N PHE A 187 -2.33 31.90 -16.22
CA PHE A 187 -1.28 32.50 -15.35
C PHE A 187 -0.85 33.94 -15.76
N TYR A 188 -0.71 34.20 -17.03
CA TYR A 188 -0.27 35.53 -17.41
C TYR A 188 -1.41 36.55 -17.47
N GLU A 189 -2.63 36.12 -17.15
CA GLU A 189 -3.76 37.03 -17.03
C GLU A 189 -4.09 37.26 -15.55
N ASN A 190 -3.33 36.62 -14.66
CA ASN A 190 -3.63 36.74 -13.21
C ASN A 190 -3.05 38.00 -12.62
N LYS A 191 -3.92 38.93 -12.25
CA LYS A 191 -3.48 40.19 -11.64
C LYS A 191 -3.49 40.16 -10.11
N ASN A 192 -3.85 39.02 -9.53
CA ASN A 192 -3.81 38.90 -8.06
C ASN A 192 -3.20 37.54 -7.69
N PHE A 193 -1.91 37.42 -7.88
CA PHE A 193 -1.23 36.16 -7.55
C PHE A 193 -1.42 35.76 -6.11
N ALA A 194 -1.56 36.73 -5.22
CA ALA A 194 -1.74 36.36 -3.80
C ALA A 194 -3.09 35.68 -3.47
N ARG A 195 -4.12 35.84 -4.29
CA ARG A 195 -5.43 35.36 -3.92
C ARG A 195 -6.12 34.56 -4.98
N TYR A 196 -5.67 34.68 -6.22
CA TYR A 196 -6.32 33.92 -7.30
C TYR A 196 -5.42 32.79 -7.76
N VAL A 197 -6.03 31.65 -8.09
CA VAL A 197 -5.24 30.49 -8.55
C VAL A 197 -4.77 30.70 -10.00
N SER A 198 -3.47 30.51 -10.24
CA SER A 198 -2.96 30.55 -11.62
C SER A 198 -3.12 29.21 -12.30
N LEU A 199 -3.60 29.23 -13.53
CA LEU A 199 -3.71 28.05 -14.40
C LEU A 199 -2.57 28.06 -15.40
N VAL A 200 -1.77 27.00 -15.37
N VAL A 200 -1.70 27.06 -15.35
CA VAL A 200 -0.65 26.82 -16.28
CA VAL A 200 -0.54 27.02 -16.29
C VAL A 200 -0.91 25.69 -17.21
C VAL A 200 -0.73 25.79 -17.20
N PRO A 201 -0.95 26.00 -18.50
CA PRO A 201 -1.13 24.81 -19.38
C PRO A 201 0.18 24.12 -19.63
N THR A 202 0.13 22.79 -19.61
CA THR A 202 1.35 21.96 -19.73
C THR A 202 1.10 20.77 -20.61
N SER A 203 2.20 20.20 -21.12
CA SER A 203 2.17 18.85 -21.63
C SER A 203 3.37 18.12 -21.03
N ALA A 204 3.09 17.05 -20.28
CA ALA A 204 4.17 16.18 -19.83
C ALA A 204 4.80 15.40 -20.94
N HIS A 205 4.09 15.20 -22.05
N HIS A 205 4.11 15.25 -22.08
CA HIS A 205 4.70 14.49 -23.17
CA HIS A 205 4.67 14.54 -23.20
C HIS A 205 5.71 15.39 -23.95
C HIS A 205 5.69 15.39 -23.97
N THR A 206 5.34 16.66 -24.20
CA THR A 206 6.21 17.54 -25.02
C THR A 206 7.08 18.42 -24.18
N GLY A 207 6.75 18.52 -22.88
CA GLY A 207 7.48 19.41 -21.99
C GLY A 207 7.02 20.87 -22.02
N GLU A 208 6.13 21.19 -22.97
CA GLU A 208 5.69 22.59 -23.06
C GLU A 208 4.95 23.04 -21.81
N GLY A 209 5.22 24.30 -21.42
CA GLY A 209 4.56 24.81 -20.23
C GLY A 209 5.21 24.39 -18.92
N ILE A 210 5.99 23.30 -18.94
CA ILE A 210 6.70 22.94 -17.69
C ILE A 210 7.66 24.07 -17.23
N PRO A 211 8.34 24.78 -18.14
CA PRO A 211 9.17 25.90 -17.65
C PRO A 211 8.31 26.95 -16.90
N ASP A 212 7.12 27.23 -17.44
CA ASP A 212 6.23 28.17 -16.75
C ASP A 212 5.78 27.63 -15.36
N MET A 213 5.42 26.35 -15.34
CA MET A 213 4.96 25.73 -14.10
C MET A 213 6.08 25.80 -13.04
N LEU A 214 7.33 25.48 -13.43
CA LEU A 214 8.40 25.52 -12.44
C LEU A 214 8.65 26.94 -11.93
N LYS A 215 8.63 27.94 -12.82
CA LYS A 215 8.84 29.30 -12.38
C LYS A 215 7.71 29.69 -11.38
N LEU A 216 6.48 29.29 -11.71
CA LEU A 216 5.34 29.63 -10.84
C LEU A 216 5.45 28.98 -9.45
N ILE A 217 5.93 27.74 -9.38
CA ILE A 217 6.00 27.16 -8.01
C ILE A 217 7.13 27.86 -7.21
N VAL A 218 8.20 28.29 -7.86
CA VAL A 218 9.19 29.08 -7.10
C VAL A 218 8.54 30.40 -6.63
N GLN A 219 7.76 31.04 -7.49
N GLN A 219 7.72 30.99 -7.50
CA GLN A 219 7.08 32.29 -7.09
CA GLN A 219 7.01 32.24 -7.15
C GLN A 219 6.12 32.00 -5.90
C GLN A 219 6.11 32.00 -5.93
N LEU A 220 5.44 30.84 -5.90
CA LEU A 220 4.58 30.50 -4.75
C LEU A 220 5.45 30.45 -3.49
N CYS A 221 6.58 29.78 -3.54
CA CYS A 221 7.44 29.74 -2.37
C CYS A 221 7.86 31.09 -1.89
N GLN A 222 8.24 31.96 -2.84
CA GLN A 222 8.86 33.23 -2.51
C GLN A 222 7.85 34.33 -2.23
N GLU A 223 6.62 34.20 -2.74
CA GLU A 223 5.66 35.30 -2.63
C GLU A 223 4.35 34.96 -1.90
N ARG A 224 4.06 33.68 -1.66
CA ARG A 224 2.83 33.27 -0.95
C ARG A 224 3.07 32.46 0.33
N MET A 225 3.99 31.51 0.25
CA MET A 225 4.34 30.78 1.46
C MET A 225 4.82 31.73 2.57
N ALA A 226 4.54 31.42 3.85
CA ALA A 226 5.08 32.23 4.96
C ALA A 226 6.61 32.40 4.82
N SER A 227 7.11 33.62 4.94
N SER A 227 7.11 33.63 4.91
CA SER A 227 8.54 33.84 4.72
CA SER A 227 8.55 33.88 4.73
C SER A 227 9.40 33.04 5.71
C SER A 227 9.45 33.17 5.76
N SER A 228 8.90 32.84 6.92
CA SER A 228 9.69 32.13 7.94
C SER A 228 10.10 30.75 7.39
N LEU A 229 9.30 30.20 6.49
CA LEU A 229 9.55 28.83 5.96
C LEU A 229 10.64 28.84 4.88
N MET A 230 11.14 30.02 4.52
CA MET A 230 12.35 30.11 3.67
C MET A 230 13.62 29.83 4.42
N TYR A 231 13.54 29.72 5.75
CA TYR A 231 14.72 29.57 6.60
C TYR A 231 14.58 28.40 7.50
N LEU A 232 15.70 27.78 7.89
CA LEU A 232 15.64 26.59 8.81
C LEU A 232 15.32 26.98 10.23
N SER A 233 14.38 26.27 10.86
CA SER A 233 14.13 26.43 12.28
C SER A 233 14.18 25.04 12.97
N GLU A 234 13.35 24.81 13.99
CA GLU A 234 13.43 23.55 14.74
C GLU A 234 13.14 22.34 13.85
N LEU A 235 13.81 21.25 14.18
CA LEU A 235 13.65 20.04 13.43
C LEU A 235 12.20 19.60 13.45
N GLN A 236 11.74 19.17 12.26
CA GLN A 236 10.47 18.47 12.11
C GLN A 236 10.64 17.39 11.07
N ALA A 237 10.24 16.18 11.38
CA ALA A 237 10.40 15.05 10.46
C ALA A 237 9.32 14.02 10.63
N THR A 238 8.97 13.35 9.52
CA THR A 238 7.86 12.38 9.52
C THR A 238 8.26 11.09 8.84
N VAL A 239 7.96 9.95 9.49
CA VAL A 239 8.23 8.63 8.90
C VAL A 239 7.21 8.36 7.78
N LEU A 240 7.67 8.06 6.56
CA LEU A 240 6.79 7.66 5.43
C LEU A 240 6.54 6.19 5.33
N GLU A 241 7.58 5.42 5.59
N GLU A 241 7.58 5.40 5.55
CA GLU A 241 7.49 4.00 5.33
CA GLU A 241 7.50 3.98 5.29
C GLU A 241 8.57 3.32 6.13
C GLU A 241 8.62 3.26 5.98
N VAL A 242 8.31 2.07 6.47
CA VAL A 242 9.29 1.21 7.07
C VAL A 242 9.58 0.16 6.02
N LYS A 243 10.85 -0.01 5.64
CA LYS A 243 11.20 -0.91 4.52
C LYS A 243 12.46 -1.70 4.80
N ALA A 244 12.39 -3.02 4.62
CA ALA A 244 13.60 -3.86 4.69
C ALA A 244 14.38 -3.77 3.39
N ILE A 245 15.68 -3.53 3.49
CA ILE A 245 16.54 -3.25 2.34
C ILE A 245 17.77 -4.15 2.34
N GLU A 246 18.24 -4.59 1.18
CA GLU A 246 19.42 -5.45 1.20
C GLU A 246 20.62 -4.68 1.77
N GLY A 247 21.33 -5.34 2.68
CA GLY A 247 22.51 -4.80 3.34
C GLY A 247 22.22 -3.87 4.52
N PHE A 248 21.21 -3.02 4.39
CA PHE A 248 20.95 -2.08 5.47
C PHE A 248 19.93 -2.61 6.47
N GLY A 249 19.19 -3.67 6.13
CA GLY A 249 18.20 -4.20 7.09
C GLY A 249 16.92 -3.36 7.11
N VAL A 250 16.22 -3.31 8.24
CA VAL A 250 14.98 -2.51 8.34
C VAL A 250 15.28 -1.04 8.44
N THR A 251 14.88 -0.29 7.42
CA THR A 251 15.16 1.15 7.35
C THR A 251 13.86 1.96 7.45
N ILE A 252 13.95 3.27 7.64
CA ILE A 252 12.79 4.13 7.49
C ILE A 252 13.04 5.17 6.42
N ASP A 253 12.02 5.43 5.61
CA ASP A 253 12.06 6.60 4.71
C ASP A 253 11.35 7.71 5.45
N VAL A 254 11.91 8.90 5.43
CA VAL A 254 11.49 10.01 6.27
C VAL A 254 11.44 11.26 5.42
N ILE A 255 10.40 12.08 5.63
CA ILE A 255 10.42 13.44 5.09
C ILE A 255 10.95 14.32 6.20
N LEU A 256 12.12 14.91 5.97
CA LEU A 256 12.71 15.93 6.88
C LEU A 256 12.11 17.25 6.43
N SER A 257 11.17 17.79 7.23
CA SER A 257 10.44 19.02 6.88
C SER A 257 11.15 20.28 7.32
N ASN A 258 11.92 20.21 8.41
CA ASN A 258 12.61 21.42 8.87
C ASN A 258 13.78 20.97 9.71
N GLY A 259 14.71 21.88 9.96
CA GLY A 259 15.90 21.50 10.69
C GLY A 259 16.91 20.69 9.89
N ILE A 260 17.80 20.02 10.62
CA ILE A 260 18.98 19.37 10.04
C ILE A 260 19.11 18.00 10.67
N LEU A 261 19.31 16.96 9.86
CA LEU A 261 19.62 15.59 10.44
C LEU A 261 21.08 15.30 10.23
N ARG A 262 21.70 14.56 11.15
CA ARG A 262 23.11 14.20 11.03
C ARG A 262 23.33 12.73 11.30
N GLU A 263 24.30 12.19 10.56
CA GLU A 263 24.76 10.83 10.85
C GLU A 263 25.16 10.75 12.31
N GLY A 264 24.77 9.65 12.93
CA GLY A 264 25.04 9.42 14.35
C GLY A 264 24.02 10.01 15.32
N ASP A 265 23.06 10.80 14.81
CA ASP A 265 22.08 11.42 15.71
C ASP A 265 21.34 10.38 16.51
N ARG A 266 21.09 10.66 17.79
N ARG A 266 21.12 10.67 17.80
CA ARG A 266 20.21 9.80 18.58
CA ARG A 266 20.18 9.91 18.64
C ARG A 266 18.79 10.29 18.29
C ARG A 266 18.77 10.34 18.25
N ILE A 267 17.96 9.42 17.76
CA ILE A 267 16.61 9.75 17.31
C ILE A 267 15.58 8.98 18.12
N VAL A 268 14.41 9.62 18.30
N VAL A 268 14.39 9.57 18.24
CA VAL A 268 13.30 8.94 18.97
CA VAL A 268 13.31 8.91 18.96
C VAL A 268 12.10 9.00 18.02
C VAL A 268 12.06 9.03 18.10
N LEU A 269 11.33 7.92 17.96
CA LEU A 269 10.13 7.90 17.12
C LEU A 269 9.16 6.91 17.71
N CYS A 270 7.97 6.90 17.15
CA CYS A 270 6.96 5.93 17.64
C CYS A 270 7.04 4.53 17.07
N GLY A 271 6.90 3.51 17.91
CA GLY A 271 6.93 2.13 17.46
C GLY A 271 5.66 1.40 17.92
N LEU A 272 5.41 0.22 17.36
CA LEU A 272 4.22 -0.52 17.70
C LEU A 272 4.10 -0.83 19.20
N GLU A 273 5.23 -1.06 19.88
CA GLU A 273 5.26 -1.34 21.31
C GLU A 273 5.77 -0.19 22.17
N GLY A 274 5.73 1.01 21.64
CA GLY A 274 6.20 2.17 22.36
C GLY A 274 7.34 2.89 21.68
N PRO A 275 7.89 3.94 22.44
CA PRO A 275 8.90 4.71 21.70
C PRO A 275 10.12 3.88 21.31
N ILE A 276 10.65 4.19 20.14
CA ILE A 276 11.84 3.53 19.66
C ILE A 276 13.05 4.50 19.92
N LYS A 277 14.21 4.34 20.62
N LYS A 277 14.22 4.35 20.62
CA LYS A 277 15.34 5.26 20.63
CA LYS A 277 15.35 5.27 20.66
C LYS A 277 16.54 4.55 20.04
C LYS A 277 16.54 4.56 20.05
N THR A 278 17.16 5.20 19.08
CA THR A 278 18.23 4.57 18.32
C THR A 278 19.18 5.61 17.74
N ASN A 279 20.25 5.16 17.09
CA ASN A 279 21.14 6.13 16.46
C ASN A 279 21.21 5.94 14.97
N ILE A 280 21.31 7.06 14.24
CA ILE A 280 21.39 6.96 12.79
C ILE A 280 22.75 6.39 12.35
N ARG A 281 22.76 5.19 11.78
CA ARG A 281 24.01 4.59 11.28
C ARG A 281 24.35 5.07 9.89
N ALA A 282 23.32 5.22 9.05
CA ALA A 282 23.53 5.84 7.71
C ALA A 282 22.41 6.78 7.42
N LEU A 283 22.78 7.94 6.93
CA LEU A 283 21.79 8.94 6.52
C LEU A 283 21.85 9.09 5.01
N LEU A 284 20.84 8.58 4.32
CA LEU A 284 20.92 8.36 2.87
C LEU A 284 19.94 9.20 2.08
N THR A 285 20.36 9.62 0.88
CA THR A 285 19.41 10.15 -0.08
C THR A 285 19.62 9.53 -1.44
N PRO A 286 18.61 9.60 -2.33
CA PRO A 286 18.87 9.36 -3.73
C PRO A 286 19.83 10.41 -4.27
N ALA A 287 20.30 10.20 -5.48
CA ALA A 287 20.93 11.30 -6.24
C ALA A 287 19.91 12.43 -6.42
N PRO A 288 20.39 13.68 -6.59
CA PRO A 288 19.43 14.72 -6.91
C PRO A 288 18.61 14.35 -8.19
N MET A 289 17.36 14.79 -8.17
CA MET A 289 16.43 14.58 -9.25
C MET A 289 16.11 13.09 -9.48
N ARG A 290 16.29 12.29 -8.44
N ARG A 290 16.29 12.29 -8.44
CA ARG A 290 15.87 10.88 -8.51
CA ARG A 290 15.90 10.89 -8.49
C ARG A 290 14.98 10.54 -7.33
C ARG A 290 14.95 10.57 -7.34
N GLU A 291 14.06 9.60 -7.57
CA GLU A 291 13.02 9.28 -6.59
C GLU A 291 13.45 8.54 -5.39
N LEU A 292 12.87 8.98 -4.26
CA LEU A 292 13.00 8.22 -3.03
C LEU A 292 12.26 6.85 -3.12
N ARG A 293 11.15 6.76 -3.87
CA ARG A 293 10.36 5.52 -3.88
C ARG A 293 10.93 4.46 -4.83
N ILE A 294 12.04 4.78 -5.51
CA ILE A 294 12.69 3.88 -6.48
C ILE A 294 13.99 3.34 -5.95
N LYS A 295 14.16 2.01 -6.00
CA LYS A 295 15.43 1.40 -5.60
C LYS A 295 16.58 1.95 -6.45
N GLY A 296 17.68 2.34 -5.79
CA GLY A 296 18.85 2.83 -6.50
C GLY A 296 20.06 2.82 -5.58
N GLN A 297 21.19 3.36 -6.02
CA GLN A 297 22.34 3.44 -5.10
C GLN A 297 22.17 4.73 -4.33
N TYR A 298 22.43 4.68 -3.02
CA TYR A 298 22.17 5.83 -2.19
C TYR A 298 23.43 6.57 -1.99
N ILE A 299 23.28 7.85 -1.76
CA ILE A 299 24.34 8.72 -1.35
C ILE A 299 24.34 8.80 0.17
N HIS A 300 25.50 8.61 0.79
CA HIS A 300 25.64 8.75 2.25
C HIS A 300 26.05 10.17 2.61
N HIS A 301 25.41 10.71 3.62
CA HIS A 301 25.66 12.08 4.06
C HIS A 301 25.99 12.16 5.51
N LYS A 302 26.87 13.09 5.87
CA LYS A 302 27.05 13.42 7.26
C LYS A 302 25.97 14.34 7.82
N GLU A 303 25.43 15.15 6.91
CA GLU A 303 24.39 16.13 7.24
C GLU A 303 23.38 16.24 6.11
N VAL A 304 22.10 16.35 6.46
CA VAL A 304 21.07 16.68 5.47
C VAL A 304 20.21 17.81 6.01
N LYS A 305 20.15 18.93 5.26
CA LYS A 305 19.32 20.07 5.68
C LYS A 305 17.95 19.97 5.02
N ALA A 306 16.94 20.54 5.67
CA ALA A 306 15.56 20.42 5.20
C ALA A 306 15.21 21.36 4.03
N ALA A 307 14.18 21.01 3.24
CA ALA A 307 13.48 19.73 3.32
C ALA A 307 14.11 18.70 2.40
N GLN A 308 14.05 17.43 2.78
CA GLN A 308 14.55 16.41 1.89
C GLN A 308 13.84 15.12 2.25
N GLY A 309 13.87 14.17 1.32
CA GLY A 309 13.42 12.82 1.61
C GLY A 309 14.67 11.95 1.88
N VAL A 310 14.77 11.35 3.08
CA VAL A 310 15.95 10.58 3.43
C VAL A 310 15.58 9.17 3.79
N LYS A 311 16.56 8.29 3.70
CA LYS A 311 16.39 6.93 4.20
C LYS A 311 17.36 6.81 5.34
N ILE A 312 16.87 6.30 6.48
CA ILE A 312 17.72 6.11 7.64
C ILE A 312 17.95 4.64 7.91
N SER A 313 19.20 4.24 8.06
CA SER A 313 19.52 2.91 8.61
C SER A 313 19.91 3.07 10.07
N ALA A 314 19.31 2.26 10.94
CA ALA A 314 19.53 2.34 12.41
C ALA A 314 19.04 1.02 12.97
N PRO A 315 19.65 0.54 14.06
CA PRO A 315 19.12 -0.69 14.67
C PRO A 315 17.77 -0.43 15.31
N GLY A 316 16.93 -1.47 15.39
CA GLY A 316 15.73 -1.39 16.17
C GLY A 316 14.54 -0.69 15.56
N LEU A 317 14.55 -0.52 14.24
CA LEU A 317 13.44 0.17 13.58
C LEU A 317 12.26 -0.74 13.26
N GLU A 318 12.31 -2.02 13.63
CA GLU A 318 11.33 -3.04 13.21
C GLU A 318 9.89 -2.63 13.49
N GLY A 319 9.61 -2.02 14.63
CA GLY A 319 8.21 -1.68 14.91
C GLY A 319 7.78 -0.27 14.50
N ALA A 320 8.61 0.45 13.72
CA ALA A 320 8.34 1.88 13.48
C ALA A 320 6.98 2.12 12.84
N ILE A 321 6.34 3.21 13.21
CA ILE A 321 5.00 3.50 12.69
C ILE A 321 4.97 4.56 11.60
N ALA A 322 4.45 4.21 10.42
CA ALA A 322 4.34 5.20 9.35
C ALA A 322 3.45 6.36 9.82
N GLY A 323 3.90 7.58 9.52
CA GLY A 323 3.23 8.79 9.99
C GLY A 323 3.77 9.32 11.32
N SER A 324 4.61 8.56 11.98
CA SER A 324 5.21 9.01 13.23
C SER A 324 6.07 10.22 13.01
N ARG A 325 6.07 11.14 13.97
N ARG A 325 6.08 11.14 13.97
CA ARG A 325 7.09 12.16 14.03
CA ARG A 325 7.12 12.16 13.98
C ARG A 325 8.43 11.56 14.49
C ARG A 325 8.43 11.55 14.46
N LEU A 326 9.51 12.26 14.18
CA LEU A 326 10.83 11.83 14.54
C LEU A 326 11.57 12.99 15.18
N LEU A 327 12.18 12.77 16.35
CA LEU A 327 12.91 13.81 17.09
C LEU A 327 14.35 13.41 17.26
N VAL A 328 15.19 14.43 17.45
CA VAL A 328 16.60 14.24 17.76
C VAL A 328 16.88 14.64 19.18
N VAL A 329 17.60 13.78 19.91
CA VAL A 329 18.02 14.14 21.28
C VAL A 329 19.21 15.11 21.22
N GLY A 330 18.97 16.32 21.68
CA GLY A 330 20.00 17.37 21.74
C GLY A 330 20.75 17.40 23.05
N PRO A 331 21.79 18.26 23.11
CA PRO A 331 22.67 18.38 24.29
C PRO A 331 21.92 18.70 25.57
N ASP A 332 20.84 19.49 25.46
CA ASP A 332 20.11 19.89 26.64
C ASP A 332 18.84 19.07 26.84
N ASP A 333 18.64 18.08 26.00
CA ASP A 333 17.52 17.17 26.12
C ASP A 333 17.80 16.06 27.13
N ASP A 334 16.74 15.49 27.67
CA ASP A 334 16.88 14.32 28.50
C ASP A 334 16.40 13.09 27.63
N GLU A 335 17.02 11.91 27.30
N GLU A 335 16.91 11.96 27.18
CA GLU A 335 16.58 10.98 26.26
CA GLU A 335 16.39 11.06 26.15
C GLU A 335 15.22 10.44 26.65
C GLU A 335 15.07 10.51 26.65
N GLU A 336 15.03 10.18 27.94
CA GLU A 336 13.79 9.60 28.43
C GLU A 336 12.61 10.56 28.37
N GLU A 337 12.84 11.83 28.65
CA GLU A 337 11.80 12.85 28.52
C GLU A 337 11.32 12.97 27.08
N LEU A 338 12.26 12.88 26.14
CA LEU A 338 11.96 12.97 24.73
C LEU A 338 11.03 11.86 24.28
N GLU A 339 11.19 10.67 24.85
CA GLU A 339 10.40 9.52 24.45
C GLU A 339 8.92 9.80 24.67
N GLU A 340 8.58 10.43 25.79
CA GLU A 340 7.20 10.79 26.06
C GLU A 340 6.66 11.80 25.06
N GLU A 341 7.48 12.76 24.68
CA GLU A 341 7.02 13.84 23.82
C GLU A 341 6.54 13.31 22.48
N VAL A 342 7.31 12.39 21.91
CA VAL A 342 6.92 11.74 20.66
C VAL A 342 5.64 10.92 20.89
N GLU A 343 5.62 10.27 22.05
CA GLU A 343 4.53 9.40 22.50
C GLU A 343 3.15 10.07 22.39
N SER A 344 3.04 11.28 22.94
CA SER A 344 1.77 12.04 22.94
C SER A 344 1.65 12.91 21.68
N GLY B 1 -31.77 -6.10 12.76
CA GLY B 1 -31.17 -7.21 12.05
C GLY B 1 -29.69 -7.33 12.30
N HIS B 2 -29.17 -8.54 12.24
CA HIS B 2 -27.76 -8.81 12.42
C HIS B 2 -26.97 -8.76 11.12
N MET B 3 -27.67 -8.82 9.99
CA MET B 3 -27.01 -8.74 8.68
C MET B 3 -26.88 -7.31 8.22
N ASN B 4 -26.10 -6.54 8.96
CA ASN B 4 -25.99 -5.10 8.77
C ASN B 4 -24.56 -4.64 8.82
N LYS B 5 -24.32 -3.43 8.33
CA LYS B 5 -22.99 -2.87 8.17
C LYS B 5 -22.26 -2.74 9.49
N ASP B 6 -22.99 -2.69 10.59
CA ASP B 6 -22.38 -2.56 11.90
C ASP B 6 -22.00 -3.90 12.55
N ASN B 7 -22.35 -5.00 11.90
CA ASN B 7 -22.07 -6.35 12.42
C ASN B 7 -21.16 -7.22 11.54
N LEU B 8 -20.35 -6.59 10.71
CA LEU B 8 -19.53 -7.32 9.75
C LEU B 8 -18.44 -8.23 10.34
N ARG B 9 -18.19 -9.32 9.65
CA ARG B 9 -17.20 -10.32 10.02
C ARG B 9 -16.12 -10.39 8.94
N SER B 10 -14.86 -10.46 9.34
CA SER B 10 -13.78 -10.69 8.39
C SER B 10 -13.69 -12.20 8.15
N PRO B 11 -13.86 -12.57 6.81
CA PRO B 11 -13.79 -14.04 6.60
C PRO B 11 -12.40 -14.64 6.63
N ILE B 12 -12.34 -15.97 6.58
CA ILE B 12 -11.09 -16.70 6.59
C ILE B 12 -10.83 -17.38 5.25
N CYS B 13 -9.66 -17.09 4.68
CA CYS B 13 -9.27 -17.71 3.44
C CYS B 13 -8.09 -18.73 3.71
N CYS B 14 -7.98 -20.06 3.32
N CYS B 14 -7.93 -20.05 3.37
CA CYS B 14 -6.84 -20.91 3.55
CA CYS B 14 -6.74 -20.85 3.59
C CYS B 14 -6.10 -21.03 2.24
C CYS B 14 -6.05 -21.03 2.26
N ILE B 15 -4.78 -21.05 2.28
N ILE B 15 -4.72 -21.03 2.27
CA ILE B 15 -4.01 -21.32 1.09
CA ILE B 15 -3.97 -21.33 1.08
C ILE B 15 -3.37 -22.71 1.18
C ILE B 15 -3.41 -22.73 1.20
N LEU B 16 -3.68 -23.54 0.20
CA LEU B 16 -3.34 -24.96 0.16
C LEU B 16 -2.56 -25.26 -1.10
N GLY B 17 -1.77 -26.32 -1.10
CA GLY B 17 -1.08 -26.74 -2.34
C GLY B 17 0.05 -27.69 -2.06
N HIS B 18 0.61 -28.24 -3.12
CA HIS B 18 1.68 -29.21 -3.00
C HIS B 18 2.93 -28.51 -2.48
N VAL B 19 3.89 -29.29 -1.99
CA VAL B 19 5.06 -28.70 -1.38
C VAL B 19 5.82 -27.82 -2.37
N ASP B 20 6.26 -26.68 -1.88
CA ASP B 20 7.11 -25.75 -2.61
C ASP B 20 6.47 -25.13 -3.85
N THR B 21 5.14 -25.06 -3.85
CA THR B 21 4.42 -24.44 -4.95
C THR B 21 4.38 -22.91 -4.85
N GLY B 22 4.79 -22.36 -3.71
CA GLY B 22 4.78 -20.93 -3.54
C GLY B 22 3.73 -20.30 -2.63
N LYS B 23 3.07 -21.10 -1.81
CA LYS B 23 2.05 -20.54 -0.95
C LYS B 23 2.59 -19.47 -0.01
N THR B 24 3.70 -19.76 0.66
CA THR B 24 4.32 -18.80 1.54
C THR B 24 4.92 -17.60 0.81
N LYS B 25 5.58 -17.88 -0.31
CA LYS B 25 6.16 -16.81 -1.12
C LYS B 25 5.07 -15.83 -1.62
N LEU B 26 3.90 -16.34 -2.00
CA LEU B 26 2.80 -15.43 -2.40
C LEU B 26 2.43 -14.53 -1.22
N LEU B 27 2.27 -15.11 -0.02
CA LEU B 27 1.87 -14.27 1.13
C LEU B 27 2.99 -13.28 1.45
N ASP B 28 4.26 -13.72 1.34
CA ASP B 28 5.39 -12.80 1.57
C ASP B 28 5.36 -11.60 0.60
N LYS B 29 4.96 -11.84 -0.64
CA LYS B 29 4.92 -10.74 -1.62
C LYS B 29 3.80 -9.77 -1.24
N ILE B 30 2.64 -10.29 -0.82
CA ILE B 30 1.53 -9.43 -0.38
C ILE B 30 1.91 -8.62 0.89
N ARG B 31 2.45 -9.29 1.90
CA ARG B 31 2.86 -8.63 3.18
C ARG B 31 4.08 -7.72 2.99
N GLN B 32 4.95 -8.00 2.00
CA GLN B 32 6.30 -7.44 1.91
C GLN B 32 7.14 -7.87 3.09
N THR B 33 7.17 -9.20 3.23
CA THR B 33 7.94 -9.88 4.29
C THR B 33 8.83 -11.00 3.70
N ASN B 34 9.61 -11.64 4.60
CA ASN B 34 10.52 -12.69 4.17
C ASN B 34 10.45 -13.91 5.08
N VAL B 35 9.23 -14.29 5.39
CA VAL B 35 9.03 -15.49 6.24
C VAL B 35 9.65 -16.75 5.61
N GLN B 36 9.49 -16.89 4.28
CA GLN B 36 9.97 -18.13 3.66
C GLN B 36 11.48 -18.33 3.83
N GLU B 37 12.24 -17.23 3.72
CA GLU B 37 13.68 -17.33 3.84
C GLU B 37 14.12 -17.76 5.23
N GLY B 38 13.27 -17.51 6.22
CA GLY B 38 13.57 -17.91 7.59
C GLY B 38 13.23 -19.34 7.97
N GLU B 39 12.47 -20.02 7.12
CA GLU B 39 11.99 -21.35 7.44
C GLU B 39 13.10 -22.36 7.34
N ALA B 40 13.19 -23.25 8.31
CA ALA B 40 14.15 -24.33 8.21
C ALA B 40 13.76 -25.16 7.00
N GLY B 41 14.74 -25.43 6.14
CA GLY B 41 14.55 -26.31 5.02
C GLY B 41 13.71 -25.66 3.94
N GLY B 42 13.36 -24.40 4.18
CA GLY B 42 12.48 -23.68 3.28
C GLY B 42 11.08 -24.28 3.21
N ILE B 43 10.68 -25.00 4.25
CA ILE B 43 9.35 -25.59 4.26
C ILE B 43 8.51 -25.14 5.46
N THR B 44 7.24 -24.90 5.22
CA THR B 44 6.31 -24.53 6.28
C THR B 44 5.93 -25.77 7.10
N GLN B 45 5.94 -25.64 8.42
CA GLN B 45 5.67 -26.79 9.31
C GLN B 45 4.56 -26.49 10.30
N GLN B 46 3.99 -25.27 10.20
CA GLN B 46 2.94 -24.88 11.12
C GLN B 46 1.90 -24.13 10.35
N ILE B 47 0.70 -24.06 10.90
CA ILE B 47 -0.32 -23.16 10.37
C ILE B 47 0.02 -21.73 10.70
N GLY B 48 -0.07 -20.88 9.68
CA GLY B 48 0.17 -19.45 9.92
C GLY B 48 -1.11 -18.67 9.70
N ALA B 49 -1.11 -17.45 10.19
CA ALA B 49 -2.29 -16.59 9.94
C ALA B 49 -1.88 -15.14 9.79
N THR B 50 -2.42 -14.45 8.76
CA THR B 50 -2.09 -13.01 8.57
C THR B 50 -3.40 -12.26 8.34
N TYR B 51 -3.60 -11.16 9.06
CA TYR B 51 -4.80 -10.37 8.85
C TYR B 51 -4.56 -9.25 7.85
N PHE B 52 -5.45 -9.13 6.85
CA PHE B 52 -5.39 -8.01 5.90
C PHE B 52 -6.60 -7.10 6.06
N PRO B 53 -6.44 -5.88 6.55
CA PRO B 53 -7.56 -4.92 6.60
C PRO B 53 -8.01 -4.57 5.19
N VAL B 54 -9.31 -4.26 5.03
CA VAL B 54 -9.78 -4.03 3.66
C VAL B 54 -9.09 -2.83 2.99
N GLU B 55 -8.68 -1.81 3.77
CA GLU B 55 -8.01 -0.68 3.14
C GLU B 55 -6.77 -1.19 2.38
N ALA B 56 -6.02 -2.16 2.95
CA ALA B 56 -4.85 -2.67 2.30
C ALA B 56 -5.21 -3.48 1.07
N ILE B 57 -6.26 -4.29 1.17
CA ILE B 57 -6.72 -5.06 0.02
C ILE B 57 -7.15 -4.13 -1.15
N LYS B 58 -7.83 -3.04 -0.82
CA LYS B 58 -8.24 -2.05 -1.86
C LYS B 58 -6.98 -1.53 -2.57
N GLN B 59 -5.96 -1.19 -1.78
CA GLN B 59 -4.75 -0.62 -2.39
C GLN B 59 -4.04 -1.66 -3.23
N LYS B 60 -4.00 -2.91 -2.73
CA LYS B 60 -3.28 -3.94 -3.47
C LYS B 60 -4.01 -4.49 -4.69
N THR B 61 -5.28 -4.12 -4.84
CA THR B 61 -6.04 -4.49 -6.07
C THR B 61 -6.29 -3.29 -6.99
N ALA B 62 -5.72 -2.12 -6.66
CA ALA B 62 -6.04 -0.92 -7.44
C ALA B 62 -5.71 -1.12 -8.94
N VAL B 63 -4.61 -1.85 -9.22
CA VAL B 63 -4.22 -1.99 -10.64
C VAL B 63 -5.19 -2.88 -11.45
N VAL B 64 -6.09 -3.60 -10.77
CA VAL B 64 -7.17 -4.31 -11.48
C VAL B 64 -8.53 -3.77 -11.04
N ASN B 65 -8.55 -2.52 -10.57
CA ASN B 65 -9.79 -1.82 -10.23
C ASN B 65 -9.63 -0.38 -10.60
N LYS B 66 -9.21 -0.17 -11.83
N LYS B 66 -9.29 -0.17 -11.86
CA LYS B 66 -8.86 1.17 -12.26
CA LYS B 66 -8.90 1.15 -12.33
C LYS B 66 -10.08 2.12 -12.29
C LYS B 66 -10.08 2.14 -12.41
N ASP B 67 -11.28 1.63 -12.63
CA ASP B 67 -12.45 2.52 -12.70
C ASP B 67 -13.06 2.74 -11.30
N GLY B 68 -12.49 2.07 -10.28
CA GLY B 68 -12.91 2.27 -8.90
C GLY B 68 -14.26 1.68 -8.57
N LYS B 69 -14.87 0.98 -9.54
CA LYS B 69 -16.25 0.50 -9.39
C LYS B 69 -16.41 -0.76 -8.56
N PHE B 70 -15.33 -1.51 -8.30
CA PHE B 70 -15.52 -2.75 -7.53
C PHE B 70 -15.94 -2.39 -6.08
N GLU B 71 -16.99 -3.02 -5.60
CA GLU B 71 -17.53 -2.69 -4.28
C GLU B 71 -16.91 -3.62 -3.24
N PHE B 72 -16.19 -3.04 -2.29
CA PHE B 72 -15.63 -3.82 -1.18
C PHE B 72 -16.61 -3.82 -0.01
N LYS B 73 -17.01 -5.01 0.43
CA LYS B 73 -18.00 -5.10 1.50
C LYS B 73 -17.44 -5.70 2.81
N VAL B 74 -16.43 -6.55 2.69
CA VAL B 74 -15.80 -7.16 3.87
C VAL B 74 -14.96 -6.10 4.58
N PRO B 75 -14.80 -6.25 5.89
CA PRO B 75 -13.92 -5.32 6.61
C PRO B 75 -12.45 -5.70 6.51
N GLY B 76 -12.18 -6.92 6.04
CA GLY B 76 -10.81 -7.45 6.01
C GLY B 76 -10.87 -8.93 5.78
N LEU B 77 -9.72 -9.59 5.82
CA LEU B 77 -9.62 -11.02 5.50
C LEU B 77 -8.48 -11.59 6.26
N LEU B 78 -8.71 -12.74 6.92
CA LEU B 78 -7.62 -13.48 7.55
C LEU B 78 -7.19 -14.56 6.59
N ILE B 79 -5.91 -14.61 6.26
CA ILE B 79 -5.43 -15.67 5.37
C ILE B 79 -4.53 -16.64 6.16
N ILE B 80 -4.87 -17.92 6.05
N ILE B 80 -4.90 -17.91 6.16
CA ILE B 80 -4.27 -19.05 6.79
CA ILE B 80 -4.15 -18.93 6.86
C ILE B 80 -3.26 -19.78 5.90
C ILE B 80 -3.23 -19.58 5.86
N ASP B 81 -1.98 -19.78 6.28
CA ASP B 81 -0.96 -20.48 5.49
C ASP B 81 -0.86 -21.91 6.01
N THR B 82 -0.64 -22.87 5.11
CA THR B 82 -0.50 -24.27 5.56
C THR B 82 0.69 -24.95 4.93
N PRO B 83 1.18 -26.02 5.55
CA PRO B 83 2.27 -26.81 4.95
C PRO B 83 1.79 -27.57 3.72
N GLY B 84 2.67 -27.67 2.71
CA GLY B 84 2.50 -28.55 1.58
C GLY B 84 3.19 -29.90 1.76
N HIS B 85 4.16 -30.00 2.65
CA HIS B 85 4.88 -31.24 2.75
C HIS B 85 3.94 -32.40 3.04
N GLU B 86 4.21 -33.58 2.45
CA GLU B 86 3.26 -34.66 2.53
C GLU B 86 2.88 -35.04 3.98
N SER B 87 3.85 -34.89 4.92
N SER B 87 3.81 -34.86 4.92
CA SER B 87 3.63 -35.36 6.31
CA SER B 87 3.63 -35.34 6.28
C SER B 87 2.61 -34.56 7.10
C SER B 87 2.62 -34.54 7.11
N PHE B 88 2.18 -33.41 6.57
CA PHE B 88 1.30 -32.50 7.33
C PHE B 88 -0.18 -32.51 6.90
N SER B 89 -0.68 -33.68 6.54
N SER B 89 -0.68 -33.69 6.56
CA SER B 89 -2.11 -33.72 6.15
CA SER B 89 -2.11 -33.79 6.21
C SER B 89 -3.00 -33.25 7.31
C SER B 89 -3.00 -33.26 7.32
N ASN B 90 -2.58 -33.52 8.56
CA ASN B 90 -3.37 -33.06 9.72
C ASN B 90 -3.55 -31.55 9.69
N LEU B 91 -2.48 -30.82 9.37
CA LEU B 91 -2.56 -29.36 9.43
C LEU B 91 -3.33 -28.83 8.20
N ARG B 92 -3.20 -29.50 7.06
CA ARG B 92 -4.04 -29.08 5.92
C ARG B 92 -5.51 -29.29 6.25
N SER B 93 -5.82 -30.41 6.89
N SER B 93 -5.83 -30.43 6.87
CA SER B 93 -7.19 -30.70 7.28
CA SER B 93 -7.18 -30.70 7.31
C SER B 93 -7.67 -29.64 8.30
C SER B 93 -7.67 -29.63 8.28
N ARG B 94 -6.84 -29.30 9.26
CA ARG B 94 -7.24 -28.30 10.26
C ARG B 94 -7.41 -26.93 9.60
N GLY B 95 -6.47 -26.54 8.74
CA GLY B 95 -6.66 -25.24 8.05
C GLY B 95 -7.90 -25.18 7.18
N SER B 96 -8.13 -26.25 6.43
CA SER B 96 -9.30 -26.36 5.57
C SER B 96 -10.58 -26.28 6.41
N SER B 97 -10.63 -26.94 7.55
CA SER B 97 -11.83 -26.91 8.39
C SER B 97 -12.12 -25.50 8.91
N LEU B 98 -11.08 -24.66 9.07
CA LEU B 98 -11.26 -23.33 9.63
C LEU B 98 -11.68 -22.34 8.56
N CYS B 99 -11.42 -22.64 7.30
CA CYS B 99 -11.57 -21.56 6.30
C CYS B 99 -13.00 -21.49 5.74
N ASN B 100 -13.33 -20.33 5.20
CA ASN B 100 -14.56 -20.15 4.50
C ASN B 100 -14.44 -20.17 2.98
N ILE B 101 -13.25 -19.77 2.50
CA ILE B 101 -12.92 -19.76 1.05
C ILE B 101 -11.48 -20.17 1.00
N ALA B 102 -10.93 -20.47 -0.20
CA ALA B 102 -9.54 -20.89 -0.27
C ALA B 102 -8.91 -20.48 -1.59
N ILE B 103 -7.57 -20.49 -1.54
CA ILE B 103 -6.67 -20.44 -2.75
C ILE B 103 -5.97 -21.77 -2.84
N LEU B 104 -6.11 -22.47 -3.95
CA LEU B 104 -5.34 -23.70 -4.22
C LEU B 104 -4.22 -23.32 -5.13
N VAL B 105 -2.96 -23.50 -4.67
CA VAL B 105 -1.82 -23.12 -5.48
C VAL B 105 -1.35 -24.30 -6.30
N VAL B 106 -1.16 -24.05 -7.60
CA VAL B 106 -0.68 -25.07 -8.56
C VAL B 106 0.55 -24.50 -9.21
N ASP B 107 1.70 -25.17 -9.19
CA ASP B 107 2.87 -24.70 -9.91
C ASP B 107 2.58 -24.92 -11.42
N ILE B 108 2.53 -23.83 -12.21
CA ILE B 108 2.21 -23.96 -13.64
C ILE B 108 3.22 -24.86 -14.34
N MET B 109 4.42 -24.99 -13.80
CA MET B 109 5.45 -25.80 -14.47
C MET B 109 5.26 -27.31 -14.21
N HIS B 110 4.48 -27.67 -13.20
CA HIS B 110 4.31 -29.07 -12.84
C HIS B 110 2.91 -29.57 -12.90
N GLY B 111 1.90 -28.67 -12.82
CA GLY B 111 0.50 -29.12 -12.80
C GLY B 111 0.09 -29.75 -11.49
N LEU B 112 -0.96 -30.58 -11.53
CA LEU B 112 -1.52 -31.16 -10.29
C LEU B 112 -0.54 -32.20 -9.74
N GLU B 113 -0.27 -32.14 -8.44
CA GLU B 113 0.64 -33.07 -7.77
C GLU B 113 -0.11 -33.73 -6.61
N PRO B 114 0.49 -34.74 -5.92
CA PRO B 114 -0.35 -35.47 -4.94
C PRO B 114 -1.00 -34.59 -3.88
N GLN B 115 -0.31 -33.58 -3.34
CA GLN B 115 -0.97 -32.80 -2.29
C GLN B 115 -1.92 -31.76 -2.89
N THR B 116 -1.81 -31.50 -4.20
CA THR B 116 -2.89 -30.77 -4.86
C THR B 116 -4.20 -31.58 -4.83
N ILE B 117 -4.10 -32.88 -5.16
CA ILE B 117 -5.26 -33.77 -5.19
C ILE B 117 -5.82 -33.90 -3.79
N GLU B 118 -4.92 -34.05 -2.79
CA GLU B 118 -5.44 -34.13 -1.43
C GLU B 118 -6.25 -32.89 -1.04
N SER B 119 -5.71 -31.76 -1.40
CA SER B 119 -6.28 -30.49 -1.01
C SER B 119 -7.58 -30.27 -1.76
N LEU B 120 -7.63 -30.66 -3.04
CA LEU B 120 -8.92 -30.60 -3.79
C LEU B 120 -10.01 -31.37 -3.08
N ARG B 121 -9.69 -32.57 -2.57
CA ARG B 121 -10.66 -33.38 -1.84
C ARG B 121 -11.14 -32.65 -0.56
N LEU B 122 -10.24 -32.01 0.16
CA LEU B 122 -10.63 -31.24 1.35
C LEU B 122 -11.63 -30.14 0.99
N LEU B 123 -11.36 -29.45 -0.11
CA LEU B 123 -12.16 -28.31 -0.54
C LEU B 123 -13.52 -28.82 -0.99
N ARG B 124 -13.53 -29.88 -1.77
CA ARG B 124 -14.80 -30.43 -2.31
C ARG B 124 -15.73 -30.94 -1.18
N GLU B 125 -15.14 -31.63 -0.21
CA GLU B 125 -15.88 -32.23 0.91
C GLU B 125 -16.66 -31.17 1.68
N ARG B 126 -16.06 -30.00 1.88
N ARG B 126 -16.05 -30.01 1.85
CA ARG B 126 -16.70 -28.94 2.67
CA ARG B 126 -16.62 -28.96 2.66
C ARG B 126 -17.44 -27.94 1.80
C ARG B 126 -17.32 -27.92 1.80
N LYS B 127 -17.42 -28.20 0.50
CA LYS B 127 -18.03 -27.28 -0.47
C LYS B 127 -17.44 -25.85 -0.36
N THR B 128 -16.12 -25.78 -0.16
CA THR B 128 -15.45 -24.48 0.04
C THR B 128 -15.26 -23.77 -1.30
N PRO B 129 -15.81 -22.54 -1.48
CA PRO B 129 -15.48 -21.80 -2.70
C PRO B 129 -13.97 -21.55 -2.78
N PHE B 130 -13.41 -21.75 -3.96
CA PHE B 130 -11.96 -21.53 -4.13
C PHE B 130 -11.61 -21.06 -5.52
N VAL B 131 -10.44 -20.43 -5.62
N VAL B 131 -10.40 -20.50 -5.60
CA VAL B 131 -9.79 -20.18 -6.90
CA VAL B 131 -9.73 -20.08 -6.82
C VAL B 131 -8.40 -20.81 -6.90
C VAL B 131 -8.40 -20.83 -6.89
N VAL B 132 -7.84 -20.99 -8.09
CA VAL B 132 -6.53 -21.61 -8.22
C VAL B 132 -5.55 -20.54 -8.59
N ALA B 133 -4.44 -20.44 -7.85
CA ALA B 133 -3.34 -19.60 -8.26
C ALA B 133 -2.38 -20.49 -9.06
N LEU B 134 -2.26 -20.19 -10.34
N LEU B 134 -2.29 -20.24 -10.38
CA LEU B 134 -1.41 -20.96 -11.25
CA LEU B 134 -1.38 -20.98 -11.27
C LEU B 134 -0.07 -20.24 -11.21
C LEU B 134 -0.08 -20.23 -11.19
N ASN B 135 0.75 -20.64 -10.23
CA ASN B 135 1.90 -19.84 -9.85
C ASN B 135 3.17 -20.19 -10.62
N LYS B 136 4.13 -19.26 -10.51
CA LYS B 136 5.46 -19.34 -11.12
C LYS B 136 5.45 -19.04 -12.59
N ILE B 137 4.56 -18.15 -13.03
CA ILE B 137 4.56 -17.78 -14.46
C ILE B 137 5.87 -17.10 -14.93
N ASP B 138 6.68 -16.55 -14.02
CA ASP B 138 7.96 -15.97 -14.44
C ASP B 138 8.93 -17.03 -14.95
N ARG B 139 8.63 -18.32 -14.76
CA ARG B 139 9.50 -19.41 -15.23
C ARG B 139 9.16 -19.72 -16.68
N LEU B 140 8.09 -19.13 -17.26
CA LEU B 140 7.93 -19.25 -18.70
C LEU B 140 9.14 -18.64 -19.43
N TYR B 141 9.68 -19.35 -20.44
CA TYR B 141 10.96 -18.98 -21.02
C TYR B 141 10.85 -17.66 -21.78
N GLY B 142 11.52 -16.63 -21.27
CA GLY B 142 11.44 -15.29 -21.87
C GLY B 142 10.40 -14.35 -21.27
N TRP B 143 9.81 -14.75 -20.14
CA TRP B 143 8.81 -13.93 -19.46
C TRP B 143 9.39 -12.51 -19.24
N LYS B 144 8.64 -11.46 -19.60
CA LYS B 144 9.05 -10.08 -19.35
C LYS B 144 8.16 -9.49 -18.25
N LYS B 145 8.74 -9.08 -17.12
CA LYS B 145 7.95 -8.69 -15.95
C LYS B 145 7.77 -7.18 -15.76
N ILE B 146 6.64 -6.87 -15.13
CA ILE B 146 6.42 -5.55 -14.51
C ILE B 146 5.97 -5.90 -13.12
N GLU B 147 6.74 -5.47 -12.12
CA GLU B 147 6.48 -5.90 -10.73
C GLU B 147 5.06 -5.54 -10.28
N ASN B 148 4.36 -6.51 -9.69
CA ASN B 148 3.04 -6.28 -9.10
C ASN B 148 1.94 -5.86 -10.09
N ASN B 149 2.15 -6.15 -11.36
CA ASN B 149 1.14 -5.89 -12.39
C ASN B 149 -0.05 -6.84 -12.33
N GLY B 150 -1.19 -6.40 -12.86
CA GLY B 150 -2.29 -7.30 -13.13
C GLY B 150 -1.85 -8.28 -14.23
N PHE B 151 -2.38 -9.50 -14.20
CA PHE B 151 -1.94 -10.52 -15.11
C PHE B 151 -2.18 -10.12 -16.56
N ARG B 152 -3.38 -9.62 -16.87
CA ARG B 152 -3.67 -9.39 -18.31
C ARG B 152 -2.76 -8.28 -18.90
N GLU B 153 -2.50 -7.23 -18.12
CA GLU B 153 -1.65 -6.12 -18.57
C GLU B 153 -0.23 -6.66 -18.85
N SER B 154 0.29 -7.50 -17.96
CA SER B 154 1.59 -8.08 -18.31
C SER B 154 1.53 -9.10 -19.43
N PHE B 155 0.46 -9.92 -19.48
CA PHE B 155 0.42 -10.96 -20.49
C PHE B 155 0.42 -10.33 -21.88
N ALA B 156 -0.20 -9.17 -22.03
CA ALA B 156 -0.28 -8.49 -23.32
C ALA B 156 1.09 -8.10 -23.89
N LEU B 157 2.05 -7.94 -22.99
CA LEU B 157 3.42 -7.56 -23.33
C LEU B 157 4.37 -8.72 -23.70
N GLN B 158 3.90 -9.95 -23.56
CA GLN B 158 4.76 -11.11 -23.81
C GLN B 158 4.91 -11.45 -25.27
N ASN B 159 6.02 -12.12 -25.60
CA ASN B 159 6.24 -12.56 -26.98
C ASN B 159 5.42 -13.81 -27.28
N LYS B 160 5.36 -14.16 -28.57
CA LYS B 160 4.50 -15.24 -29.01
C LYS B 160 4.93 -16.58 -28.40
N ALA B 161 6.24 -16.79 -28.23
CA ALA B 161 6.69 -18.03 -27.62
C ALA B 161 6.12 -18.19 -26.19
N VAL B 162 6.17 -17.10 -25.41
CA VAL B 162 5.67 -17.14 -24.07
C VAL B 162 4.17 -17.37 -24.06
N GLN B 163 3.46 -16.70 -24.96
CA GLN B 163 2.00 -16.86 -25.01
C GLN B 163 1.66 -18.29 -25.32
N ASN B 164 2.44 -18.88 -26.25
CA ASN B 164 2.25 -20.28 -26.63
C ASN B 164 2.56 -21.25 -25.49
N GLU B 165 3.68 -21.03 -24.79
CA GLU B 165 4.04 -21.90 -23.67
C GLU B 165 2.99 -21.82 -22.56
N PHE B 166 2.53 -20.61 -22.28
CA PHE B 166 1.50 -20.39 -21.26
C PHE B 166 0.24 -21.18 -21.67
N ARG B 167 -0.15 -21.05 -22.93
CA ARG B 167 -1.40 -21.69 -23.34
C ARG B 167 -1.25 -23.20 -23.27
N ASN B 168 -0.10 -23.73 -23.64
N ASN B 168 -0.09 -23.73 -23.65
CA ASN B 168 0.11 -25.17 -23.56
CA ASN B 168 0.11 -25.17 -23.56
C ASN B 168 0.05 -25.68 -22.12
C ASN B 168 0.02 -25.66 -22.12
N ARG B 169 0.69 -24.96 -21.20
CA ARG B 169 0.68 -25.39 -19.82
C ARG B 169 -0.71 -25.21 -19.24
N LEU B 170 -1.39 -24.13 -19.60
CA LEU B 170 -2.76 -23.90 -19.13
C LEU B 170 -3.67 -25.05 -19.58
N ASP B 171 -3.53 -25.44 -20.84
CA ASP B 171 -4.38 -26.50 -21.37
C ASP B 171 -4.13 -27.82 -20.64
N GLN B 172 -2.86 -28.08 -20.33
CA GLN B 172 -2.51 -29.33 -19.62
C GLN B 172 -3.16 -29.31 -18.22
N VAL B 173 -3.10 -28.18 -17.51
CA VAL B 173 -3.66 -28.11 -16.17
C VAL B 173 -5.19 -28.25 -16.25
N LYS B 174 -5.84 -27.67 -17.28
CA LYS B 174 -7.29 -27.81 -17.41
C LYS B 174 -7.65 -29.30 -17.59
N LEU B 175 -6.86 -30.02 -18.37
N LEU B 175 -6.87 -30.02 -18.38
CA LEU B 175 -7.15 -31.43 -18.61
CA LEU B 175 -7.18 -31.42 -18.60
C LEU B 175 -7.04 -32.20 -17.30
C LEU B 175 -7.04 -32.20 -17.30
N GLN B 176 -6.00 -31.89 -16.54
CA GLN B 176 -5.79 -32.55 -15.25
C GLN B 176 -6.95 -32.27 -14.30
N PHE B 177 -7.43 -31.02 -14.22
CA PHE B 177 -8.56 -30.74 -13.35
C PHE B 177 -9.78 -31.51 -13.83
N ALA B 178 -9.98 -31.57 -15.15
CA ALA B 178 -11.17 -32.28 -15.67
C ALA B 178 -11.14 -33.77 -15.31
N GLU B 179 -9.94 -34.38 -15.33
CA GLU B 179 -9.79 -35.78 -14.96
C GLU B 179 -10.17 -36.02 -13.53
N GLN B 180 -10.04 -34.99 -12.71
CA GLN B 180 -10.46 -35.08 -11.30
C GLN B 180 -11.94 -34.64 -11.09
N GLY B 181 -12.62 -34.33 -12.18
CA GLY B 181 -14.03 -33.97 -12.12
C GLY B 181 -14.23 -32.47 -11.89
N PHE B 182 -13.22 -31.65 -12.17
CA PHE B 182 -13.42 -30.18 -12.07
C PHE B 182 -13.34 -29.49 -13.44
N ASN B 183 -14.41 -28.77 -13.81
CA ASN B 183 -14.28 -27.82 -14.90
C ASN B 183 -13.55 -26.59 -14.43
N SER B 184 -12.71 -26.01 -15.28
CA SER B 184 -11.88 -24.83 -14.92
C SER B 184 -11.62 -23.92 -16.11
N GLU B 185 -11.45 -22.62 -15.85
CA GLU B 185 -11.19 -21.65 -16.92
C GLU B 185 -10.26 -20.60 -16.42
N LEU B 186 -9.45 -20.06 -17.32
CA LEU B 186 -8.69 -18.88 -17.00
C LEU B 186 -9.69 -17.82 -16.51
N PHE B 187 -9.33 -17.06 -15.46
CA PHE B 187 -10.38 -16.32 -14.75
C PHE B 187 -11.24 -15.36 -15.62
N TYR B 188 -10.60 -14.67 -16.57
CA TYR B 188 -11.33 -13.69 -17.37
C TYR B 188 -12.04 -14.33 -18.53
N GLU B 189 -11.90 -15.64 -18.70
CA GLU B 189 -12.63 -16.44 -19.70
C GLU B 189 -13.73 -17.27 -19.04
N ASN B 190 -13.89 -17.16 -17.72
CA ASN B 190 -14.89 -17.98 -17.02
C ASN B 190 -16.27 -17.35 -17.12
N LYS B 191 -17.21 -18.05 -17.75
CA LYS B 191 -18.58 -17.56 -17.85
C LYS B 191 -19.38 -17.77 -16.53
N ASN B 192 -18.69 -18.31 -15.52
CA ASN B 192 -19.15 -18.56 -14.13
C ASN B 192 -20.30 -19.56 -14.06
N PHE B 193 -20.23 -20.62 -14.87
CA PHE B 193 -21.16 -21.72 -14.74
C PHE B 193 -20.93 -22.33 -13.36
N ALA B 194 -21.94 -23.02 -12.84
CA ALA B 194 -21.86 -23.58 -11.50
C ALA B 194 -20.67 -24.54 -11.41
N ARG B 195 -19.91 -24.41 -10.32
CA ARG B 195 -18.76 -25.28 -10.07
C ARG B 195 -17.56 -25.08 -11.01
N TYR B 196 -17.62 -24.15 -12.00
CA TYR B 196 -16.39 -23.91 -12.84
C TYR B 196 -15.33 -23.10 -12.10
N VAL B 197 -14.14 -23.67 -11.90
CA VAL B 197 -13.09 -23.05 -11.10
C VAL B 197 -12.29 -21.99 -11.86
N SER B 198 -12.08 -20.81 -11.29
CA SER B 198 -11.25 -19.81 -11.93
C SER B 198 -9.77 -20.05 -11.71
N LEU B 199 -8.99 -19.96 -12.79
CA LEU B 199 -7.54 -20.11 -12.72
C LEU B 199 -6.93 -18.72 -12.84
N VAL B 200 -6.14 -18.34 -11.84
N VAL B 200 -6.16 -18.29 -11.83
CA VAL B 200 -5.43 -17.07 -11.91
CA VAL B 200 -5.53 -16.97 -11.91
C VAL B 200 -3.97 -17.32 -12.01
C VAL B 200 -4.02 -17.14 -11.93
N PRO B 201 -3.37 -16.85 -13.07
CA PRO B 201 -1.90 -17.04 -13.13
C PRO B 201 -1.17 -15.96 -12.30
N THR B 202 -0.15 -16.40 -11.55
CA THR B 202 0.55 -15.52 -10.61
C THR B 202 2.05 -15.80 -10.66
N SER B 203 2.80 -14.81 -10.21
CA SER B 203 4.22 -15.04 -9.79
C SER B 203 4.38 -14.44 -8.42
N ALA B 204 4.78 -15.26 -7.45
CA ALA B 204 5.14 -14.75 -6.14
C ALA B 204 6.45 -14.00 -6.17
N HIS B 205 7.29 -14.30 -7.17
N HIS B 205 7.27 -14.26 -7.19
CA HIS B 205 8.55 -13.55 -7.30
CA HIS B 205 8.55 -13.56 -7.36
C HIS B 205 8.40 -12.14 -7.87
C HIS B 205 8.34 -12.13 -7.83
N THR B 206 7.55 -11.96 -8.90
CA THR B 206 7.35 -10.62 -9.49
C THR B 206 6.13 -9.91 -8.95
N GLY B 207 5.23 -10.63 -8.29
CA GLY B 207 3.96 -10.06 -7.84
C GLY B 207 2.89 -10.06 -8.93
N GLU B 208 3.23 -10.38 -10.18
CA GLU B 208 2.21 -10.35 -11.22
C GLU B 208 1.07 -11.31 -10.99
N GLY B 209 -0.15 -10.83 -11.28
CA GLY B 209 -1.35 -11.67 -11.02
C GLY B 209 -1.86 -11.69 -9.58
N ILE B 210 -1.00 -11.30 -8.63
CA ILE B 210 -1.47 -11.27 -7.23
C ILE B 210 -2.65 -10.26 -7.08
N PRO B 211 -2.65 -9.11 -7.75
CA PRO B 211 -3.82 -8.22 -7.58
C PRO B 211 -5.09 -8.94 -8.04
N ASP B 212 -4.99 -9.69 -9.15
CA ASP B 212 -6.17 -10.42 -9.66
C ASP B 212 -6.61 -11.45 -8.65
N MET B 213 -5.66 -12.16 -8.07
CA MET B 213 -5.95 -13.18 -7.06
C MET B 213 -6.65 -12.54 -5.86
N LEU B 214 -6.17 -11.39 -5.39
CA LEU B 214 -6.78 -10.78 -4.21
C LEU B 214 -8.21 -10.35 -4.57
N LYS B 215 -8.40 -9.79 -5.76
CA LYS B 215 -9.74 -9.34 -6.14
C LYS B 215 -10.70 -10.55 -6.17
N LEU B 216 -10.23 -11.67 -6.73
CA LEU B 216 -11.07 -12.87 -6.83
C LEU B 216 -11.43 -13.42 -5.45
N ILE B 217 -10.51 -13.42 -4.49
CA ILE B 217 -10.92 -13.97 -3.17
C ILE B 217 -11.89 -13.02 -2.48
N VAL B 218 -11.83 -11.72 -2.72
CA VAL B 218 -12.85 -10.85 -2.15
C VAL B 218 -14.19 -11.18 -2.81
N GLN B 219 -14.18 -11.39 -4.12
CA GLN B 219 -15.42 -11.83 -4.77
C GLN B 219 -15.99 -13.15 -4.22
N LEU B 220 -15.10 -14.13 -3.94
CA LEU B 220 -15.57 -15.39 -3.35
C LEU B 220 -16.26 -15.11 -2.04
N CYS B 221 -15.64 -14.30 -1.19
CA CYS B 221 -16.25 -13.95 0.12
C CYS B 221 -17.63 -13.34 -0.03
N GLN B 222 -17.77 -12.42 -1.01
CA GLN B 222 -18.97 -11.58 -1.10
C GLN B 222 -20.07 -12.21 -1.89
N GLU B 223 -19.70 -13.17 -2.73
CA GLU B 223 -20.67 -13.69 -3.68
C GLU B 223 -20.92 -15.21 -3.62
N ARG B 224 -20.00 -15.97 -3.05
N ARG B 224 -19.96 -15.96 -3.11
CA ARG B 224 -20.10 -17.42 -3.13
CA ARG B 224 -20.02 -17.43 -3.14
C ARG B 224 -20.13 -18.03 -1.72
C ARG B 224 -20.14 -18.00 -1.72
N MET B 225 -19.36 -17.47 -0.78
CA MET B 225 -19.48 -17.89 0.62
C MET B 225 -20.91 -17.64 1.11
N ALA B 226 -21.41 -18.48 2.01
CA ALA B 226 -22.72 -18.23 2.62
C ALA B 226 -22.79 -16.80 3.16
N SER B 227 -23.88 -16.09 2.85
N SER B 227 -23.84 -16.06 2.81
CA SER B 227 -24.02 -14.68 3.23
CA SER B 227 -23.96 -14.67 3.25
C SER B 227 -23.95 -14.53 4.76
C SER B 227 -24.00 -14.50 4.76
N SER B 228 -24.43 -15.53 5.51
CA SER B 228 -24.43 -15.44 6.99
C SER B 228 -23.02 -15.24 7.51
N LEU B 229 -22.02 -15.76 6.77
CA LEU B 229 -20.63 -15.69 7.22
C LEU B 229 -19.98 -14.31 6.97
N MET B 230 -20.69 -13.38 6.32
N MET B 230 -20.76 -13.40 6.39
CA MET B 230 -20.23 -12.00 6.28
CA MET B 230 -20.37 -12.01 6.25
C MET B 230 -20.53 -11.22 7.56
C MET B 230 -20.58 -11.22 7.54
N TYR B 231 -21.27 -11.83 8.50
CA TYR B 231 -21.69 -11.13 9.69
C TYR B 231 -21.30 -11.93 10.94
N LEU B 232 -21.11 -11.26 12.07
CA LEU B 232 -20.76 -11.96 13.32
C LEU B 232 -21.89 -12.69 13.98
N SER B 233 -21.61 -13.93 14.38
CA SER B 233 -22.57 -14.66 15.21
C SER B 233 -21.87 -15.23 16.44
N GLU B 234 -22.27 -16.41 16.91
CA GLU B 234 -21.71 -16.94 18.18
C GLU B 234 -20.21 -17.18 18.09
N LEU B 235 -19.52 -17.00 19.20
CA LEU B 235 -18.10 -17.21 19.25
C LEU B 235 -17.70 -18.62 18.84
N GLN B 236 -16.66 -18.73 18.03
N GLN B 236 -16.67 -18.71 18.00
CA GLN B 236 -15.99 -19.99 17.73
CA GLN B 236 -15.98 -19.95 17.66
C GLN B 236 -14.52 -19.68 17.65
C GLN B 236 -14.50 -19.63 17.71
N ALA B 237 -13.70 -20.49 18.32
CA ALA B 237 -12.27 -20.30 18.32
C ALA B 237 -11.54 -21.62 18.46
N THR B 238 -10.35 -21.71 17.88
CA THR B 238 -9.56 -22.94 17.85
C THR B 238 -8.09 -22.65 18.26
N VAL B 239 -7.56 -23.45 19.18
CA VAL B 239 -6.14 -23.33 19.55
C VAL B 239 -5.23 -23.87 18.45
N LEU B 240 -4.27 -23.08 17.96
CA LEU B 240 -3.31 -23.59 16.96
C LEU B 240 -2.11 -24.24 17.60
N GLU B 241 -1.56 -23.56 18.60
CA GLU B 241 -0.28 -23.93 19.16
C GLU B 241 -0.03 -23.29 20.51
N VAL B 242 0.83 -23.90 21.32
CA VAL B 242 1.24 -23.39 22.61
C VAL B 242 2.69 -22.96 22.54
N LYS B 243 3.00 -21.73 22.97
CA LYS B 243 4.35 -21.17 22.81
C LYS B 243 4.79 -20.27 23.98
N ALA B 244 5.99 -20.50 24.51
CA ALA B 244 6.52 -19.55 25.53
C ALA B 244 7.02 -18.25 24.85
N ILE B 245 6.60 -17.10 25.37
CA ILE B 245 6.99 -15.83 24.75
C ILE B 245 7.59 -14.98 25.87
N GLU B 246 8.71 -14.30 25.63
CA GLU B 246 9.31 -13.54 26.72
C GLU B 246 8.33 -12.45 27.16
N GLY B 247 8.17 -12.30 28.48
CA GLY B 247 7.24 -11.33 29.03
C GLY B 247 5.79 -11.79 29.14
N PHE B 248 5.44 -12.78 28.34
CA PHE B 248 4.05 -13.24 28.33
C PHE B 248 3.79 -14.63 28.89
N GLY B 249 4.88 -15.35 29.24
CA GLY B 249 4.77 -16.69 29.82
C GLY B 249 4.39 -17.70 28.75
N VAL B 250 3.78 -18.81 29.12
CA VAL B 250 3.34 -19.79 28.14
C VAL B 250 2.00 -19.29 27.54
N THR B 251 2.02 -18.99 26.25
CA THR B 251 0.86 -18.40 25.56
C THR B 251 0.23 -19.41 24.62
N ILE B 252 -0.98 -19.13 24.13
CA ILE B 252 -1.56 -19.87 23.03
C ILE B 252 -1.83 -18.95 21.83
N ASP B 253 -1.57 -19.49 20.64
CA ASP B 253 -2.00 -18.86 19.39
C ASP B 253 -3.32 -19.46 18.99
N VAL B 254 -4.28 -18.60 18.63
CA VAL B 254 -5.65 -19.02 18.44
C VAL B 254 -6.23 -18.44 17.18
N ILE B 255 -7.04 -19.22 16.43
CA ILE B 255 -7.83 -18.61 15.37
C ILE B 255 -9.23 -18.32 15.94
N LEU B 256 -9.58 -17.03 15.97
CA LEU B 256 -10.90 -16.60 16.35
C LEU B 256 -11.70 -16.61 15.02
N SER B 257 -12.58 -17.62 14.90
CA SER B 257 -13.35 -17.83 13.69
C SER B 257 -14.64 -17.03 13.65
N ASN B 258 -15.23 -16.78 14.81
CA ASN B 258 -16.51 -16.02 14.80
C ASN B 258 -16.69 -15.38 16.15
N GLY B 259 -17.60 -14.44 16.26
CA GLY B 259 -17.79 -13.77 17.54
C GLY B 259 -16.69 -12.78 17.91
N ILE B 260 -16.62 -12.47 19.21
CA ILE B 260 -15.75 -11.39 19.70
C ILE B 260 -15.03 -11.91 20.94
N LEU B 261 -13.71 -11.77 20.99
CA LEU B 261 -12.97 -12.12 22.21
C LEU B 261 -12.60 -10.88 22.93
N ARG B 262 -12.56 -10.93 24.26
CA ARG B 262 -12.25 -9.75 25.03
C ARG B 262 -11.18 -10.02 26.07
N GLU B 263 -10.28 -9.06 26.26
CA GLU B 263 -9.35 -9.14 27.39
C GLU B 263 -10.18 -9.33 28.66
N GLY B 264 -9.73 -10.23 29.54
CA GLY B 264 -10.40 -10.55 30.79
C GLY B 264 -11.42 -11.68 30.65
N ASP B 265 -11.69 -12.15 29.43
CA ASP B 265 -12.67 -13.25 29.30
C ASP B 265 -12.24 -14.48 30.07
N ARG B 266 -13.21 -15.17 30.66
CA ARG B 266 -13.01 -16.49 31.25
C ARG B 266 -13.09 -17.52 30.16
N ILE B 267 -12.02 -18.28 29.95
CA ILE B 267 -11.96 -19.21 28.79
C ILE B 267 -11.75 -20.66 29.25
N VAL B 268 -12.33 -21.60 28.51
N VAL B 268 -12.18 -21.60 28.43
CA VAL B 268 -12.10 -23.03 28.79
CA VAL B 268 -12.08 -23.02 28.77
C VAL B 268 -11.57 -23.71 27.49
C VAL B 268 -11.58 -23.72 27.50
N LEU B 269 -10.62 -24.62 27.66
CA LEU B 269 -10.04 -25.30 26.49
C LEU B 269 -9.50 -26.62 27.00
N CYS B 270 -9.13 -27.51 26.08
CA CYS B 270 -8.56 -28.78 26.49
C CYS B 270 -7.09 -28.74 26.85
N GLY B 271 -6.74 -29.43 27.93
CA GLY B 271 -5.34 -29.53 28.33
C GLY B 271 -4.94 -30.97 28.58
N LEU B 272 -3.63 -31.20 28.64
CA LEU B 272 -3.09 -32.54 28.90
C LEU B 272 -3.50 -33.07 30.26
N GLU B 273 -3.69 -32.17 31.24
CA GLU B 273 -4.01 -32.65 32.57
C GLU B 273 -5.50 -32.50 32.85
N GLY B 274 -6.26 -32.15 31.81
CA GLY B 274 -7.70 -32.03 31.90
C GLY B 274 -8.08 -30.65 31.37
N PRO B 275 -9.35 -30.26 31.51
CA PRO B 275 -9.73 -28.94 31.01
C PRO B 275 -8.95 -27.83 31.71
N ILE B 276 -8.66 -26.80 30.93
CA ILE B 276 -8.01 -25.62 31.45
C ILE B 276 -9.07 -24.53 31.51
N LYS B 277 -9.21 -23.91 32.68
CA LYS B 277 -10.08 -22.75 32.85
C LYS B 277 -9.22 -21.60 33.33
N THR B 278 -9.27 -20.48 32.63
CA THR B 278 -8.39 -19.36 32.92
C THR B 278 -8.96 -18.05 32.40
N ASN B 279 -8.25 -16.96 32.63
CA ASN B 279 -8.77 -15.66 32.20
C ASN B 279 -7.75 -14.98 31.33
N ILE B 280 -8.22 -14.35 30.26
CA ILE B 280 -7.29 -13.70 29.33
C ILE B 280 -6.70 -12.47 29.96
N ARG B 281 -5.38 -12.47 30.19
CA ARG B 281 -4.73 -11.31 30.80
C ARG B 281 -4.23 -10.30 29.73
N ALA B 282 -3.78 -10.81 28.60
CA ALA B 282 -3.46 -9.98 27.41
C ALA B 282 -4.00 -10.66 26.20
N LEU B 283 -4.69 -9.87 25.39
CA LEU B 283 -5.27 -10.30 24.12
C LEU B 283 -4.48 -9.59 23.02
N LEU B 284 -3.66 -10.33 22.31
CA LEU B 284 -2.61 -9.75 21.39
C LEU B 284 -2.87 -10.15 19.95
N THR B 285 -2.51 -9.27 19.02
CA THR B 285 -2.37 -9.67 17.62
C THR B 285 -1.00 -9.24 17.13
N PRO B 286 -0.52 -9.85 16.05
CA PRO B 286 0.58 -9.16 15.35
C PRO B 286 0.17 -7.79 14.82
N ALA B 287 1.11 -6.97 14.28
CA ALA B 287 0.66 -5.84 13.45
C ALA B 287 -0.13 -6.40 12.25
N PRO B 288 -1.03 -5.59 11.64
CA PRO B 288 -1.66 -6.06 10.43
C PRO B 288 -0.58 -6.41 9.40
N MET B 289 -0.95 -7.39 8.62
CA MET B 289 -0.15 -7.91 7.56
C MET B 289 1.17 -8.54 8.06
N ARG B 290 1.19 -9.04 9.30
N ARG B 290 1.18 -9.05 9.28
CA ARG B 290 2.32 -9.84 9.77
CA ARG B 290 2.31 -9.83 9.80
C ARG B 290 1.85 -11.19 10.30
C ARG B 290 1.86 -11.18 10.35
N GLU B 291 2.68 -12.21 10.17
CA GLU B 291 2.33 -13.58 10.59
C GLU B 291 2.20 -13.78 12.08
N LEU B 292 1.15 -14.48 12.46
CA LEU B 292 0.99 -14.96 13.82
C LEU B 292 2.08 -15.98 14.17
N ARG B 293 2.54 -16.80 13.22
CA ARG B 293 3.44 -17.93 13.59
C ARG B 293 4.88 -17.54 13.81
N ILE B 294 5.19 -16.28 13.56
CA ILE B 294 6.59 -15.79 13.68
C ILE B 294 6.66 -14.83 14.86
N LYS B 295 7.61 -15.04 15.79
CA LYS B 295 7.70 -14.12 16.92
C LYS B 295 7.99 -12.72 16.40
N GLY B 296 7.27 -11.73 16.91
CA GLY B 296 7.45 -10.34 16.50
C GLY B 296 6.86 -9.45 17.56
N GLN B 297 6.49 -8.25 17.19
CA GLN B 297 5.84 -7.32 18.08
C GLN B 297 4.35 -7.50 18.10
N TYR B 298 3.74 -7.14 19.24
CA TYR B 298 2.27 -7.29 19.36
C TYR B 298 1.53 -5.99 19.66
N ILE B 299 0.29 -5.94 19.18
CA ILE B 299 -0.70 -4.94 19.51
C ILE B 299 -1.58 -5.54 20.62
N HIS B 300 -1.82 -4.78 21.69
CA HIS B 300 -2.70 -5.21 22.78
C HIS B 300 -4.11 -4.70 22.55
N HIS B 301 -5.12 -5.54 22.79
CA HIS B 301 -6.50 -5.19 22.54
C HIS B 301 -7.38 -5.41 23.74
N LYS B 302 -8.38 -4.55 23.89
CA LYS B 302 -9.45 -4.89 24.80
C LYS B 302 -10.44 -5.85 24.21
N GLU B 303 -10.61 -5.80 22.88
CA GLU B 303 -11.52 -6.68 22.18
C GLU B 303 -11.02 -6.91 20.77
N VAL B 304 -11.26 -8.13 20.26
CA VAL B 304 -10.92 -8.49 18.87
C VAL B 304 -12.14 -9.16 18.24
N LYS B 305 -12.56 -8.62 17.11
CA LYS B 305 -13.71 -9.17 16.38
C LYS B 305 -13.19 -10.15 15.33
N ALA B 306 -14.02 -11.14 15.02
CA ALA B 306 -13.63 -12.23 14.12
C ALA B 306 -13.71 -11.87 12.64
N ALA B 307 -12.98 -12.56 11.78
CA ALA B 307 -11.96 -13.55 12.15
C ALA B 307 -10.60 -12.91 12.38
N GLN B 308 -9.79 -13.42 13.29
CA GLN B 308 -8.44 -12.91 13.48
C GLN B 308 -7.57 -14.04 14.07
N GLY B 309 -6.26 -13.87 13.92
CA GLY B 309 -5.28 -14.74 14.61
C GLY B 309 -4.79 -13.96 15.81
N VAL B 310 -5.03 -14.53 17.01
CA VAL B 310 -4.65 -13.84 18.21
C VAL B 310 -3.70 -14.68 19.05
N LYS B 311 -2.98 -13.98 19.93
CA LYS B 311 -2.16 -14.65 20.93
C LYS B 311 -2.74 -14.32 22.27
N ILE B 312 -2.96 -15.34 23.12
CA ILE B 312 -3.49 -15.10 24.46
C ILE B 312 -2.42 -15.37 25.50
N SER B 313 -2.27 -14.42 26.42
CA SER B 313 -1.47 -14.64 27.62
C SER B 313 -2.45 -14.82 28.78
N ALA B 314 -2.30 -15.90 29.53
CA ALA B 314 -3.20 -16.24 30.63
C ALA B 314 -2.50 -17.26 31.49
N PRO B 315 -2.83 -17.32 32.81
CA PRO B 315 -2.21 -18.33 33.65
C PRO B 315 -2.64 -19.72 33.26
N GLY B 316 -1.78 -20.72 33.41
CA GLY B 316 -2.21 -22.11 33.35
C GLY B 316 -2.40 -22.75 31.99
N LEU B 317 -1.78 -22.18 30.97
CA LEU B 317 -1.92 -22.71 29.62
C LEU B 317 -0.91 -23.81 29.25
N GLU B 318 -0.04 -24.18 30.19
CA GLU B 318 1.12 -25.02 29.86
C GLU B 318 0.77 -26.29 29.08
N GLY B 319 -0.34 -26.89 29.48
CA GLY B 319 -0.77 -28.13 28.87
C GLY B 319 -1.76 -28.05 27.73
N ALA B 320 -1.96 -26.87 27.17
CA ALA B 320 -3.02 -26.72 26.17
C ALA B 320 -2.80 -27.61 24.95
N ILE B 321 -3.89 -28.11 24.41
CA ILE B 321 -3.81 -29.05 23.28
C ILE B 321 -4.08 -28.37 21.94
N ALA B 322 -3.14 -28.47 21.01
CA ALA B 322 -3.37 -27.90 19.68
C ALA B 322 -4.58 -28.53 19.02
N GLY B 323 -5.42 -27.70 18.40
CA GLY B 323 -6.63 -28.19 17.75
C GLY B 323 -7.85 -28.11 18.66
N SER B 324 -7.58 -27.82 19.92
CA SER B 324 -8.71 -27.69 20.85
C SER B 324 -9.65 -26.56 20.48
N ARG B 325 -10.94 -26.77 20.72
CA ARG B 325 -11.86 -25.64 20.72
C ARG B 325 -11.60 -24.77 21.92
N LEU B 326 -12.00 -23.49 21.84
CA LEU B 326 -11.82 -22.56 22.95
C LEU B 326 -13.17 -21.92 23.15
N LEU B 327 -13.68 -21.95 24.38
CA LEU B 327 -14.99 -21.40 24.65
C LEU B 327 -14.87 -20.24 25.65
N VAL B 328 -15.79 -19.28 25.59
CA VAL B 328 -15.82 -18.20 26.59
C VAL B 328 -16.97 -18.48 27.55
N VAL B 329 -16.71 -18.35 28.84
CA VAL B 329 -17.72 -18.63 29.83
C VAL B 329 -18.55 -17.38 30.03
N GLY B 330 -19.82 -17.48 29.65
CA GLY B 330 -20.78 -16.42 29.79
C GLY B 330 -21.29 -16.30 31.21
N PRO B 331 -21.97 -15.11 31.49
CA PRO B 331 -22.43 -15.03 32.89
C PRO B 331 -23.39 -16.17 33.28
N ASP B 332 -24.28 -16.57 32.37
CA ASP B 332 -25.22 -17.65 32.69
C ASP B 332 -24.71 -19.05 32.39
N ASP B 333 -23.51 -19.15 31.81
CA ASP B 333 -22.90 -20.45 31.52
C ASP B 333 -22.42 -21.18 32.76
N ASP B 334 -22.45 -22.50 32.70
CA ASP B 334 -21.97 -23.33 33.77
C ASP B 334 -20.59 -23.75 33.33
N GLU B 335 -19.57 -23.37 34.09
CA GLU B 335 -18.21 -23.60 33.65
C GLU B 335 -17.92 -25.10 33.54
N GLU B 336 -18.42 -25.87 34.50
CA GLU B 336 -18.21 -27.31 34.50
C GLU B 336 -18.86 -27.94 33.26
N GLU B 337 -20.00 -27.40 32.84
CA GLU B 337 -20.65 -27.86 31.61
C GLU B 337 -19.84 -27.54 30.34
N LEU B 338 -19.21 -26.37 30.34
CA LEU B 338 -18.37 -25.95 29.21
C LEU B 338 -17.14 -26.87 29.13
N GLU B 339 -16.61 -27.25 30.29
CA GLU B 339 -15.46 -28.17 30.34
C GLU B 339 -15.81 -29.49 29.68
N GLU B 340 -17.04 -29.97 29.94
CA GLU B 340 -17.39 -31.26 29.39
C GLU B 340 -17.63 -31.17 27.90
N GLU B 341 -18.13 -30.03 27.44
CA GLU B 341 -18.33 -29.83 26.03
C GLU B 341 -17.03 -29.74 25.22
N VAL B 342 -16.07 -28.97 25.71
CA VAL B 342 -14.83 -28.80 24.96
C VAL B 342 -14.07 -30.13 24.86
N GLU B 343 -14.13 -30.90 25.95
CA GLU B 343 -13.56 -32.24 26.07
C GLU B 343 -14.22 -33.29 25.17
N SER B 344 -15.53 -33.16 25.04
CA SER B 344 -16.32 -34.14 24.31
C SER B 344 -16.01 -34.08 22.81
N ASP B 345 -15.50 -32.93 22.36
CA ASP B 345 -15.38 -32.58 20.96
C ASP B 345 -14.34 -33.45 20.25
PG GTP C . -1.67 8.40 -10.86
O1G GTP C . -0.42 8.64 -10.07
O2G GTP C . -2.89 9.10 -10.36
O3G GTP C . -1.90 6.95 -11.15
O3B GTP C . -1.45 8.95 -12.36
PB GTP C . -0.66 10.30 -12.76
O1B GTP C . -1.49 11.52 -12.50
O2B GTP C . 0.70 10.22 -12.16
O3A GTP C . -0.55 10.19 -14.36
PA GTP C . 0.57 9.36 -15.14
O1A GTP C . 0.51 7.95 -14.64
O2A GTP C . 1.87 10.09 -15.12
O5' GTP C . 0.02 9.36 -16.65
C5' GTP C . -1.19 8.70 -16.98
C4' GTP C . -1.28 8.48 -18.49
O4' GTP C . -1.51 9.73 -19.12
C3' GTP C . 0.01 7.94 -19.06
O3' GTP C . -0.28 7.10 -20.16
C2' GTP C . 0.71 9.18 -19.58
O2' GTP C . 1.61 8.88 -20.64
C1' GTP C . -0.46 10.01 -20.04
N9 GTP C . -0.09 11.44 -19.99
C8 GTP C . 0.40 12.11 -18.94
N7 GTP C . 0.62 13.40 -19.26
C5 GTP C . 0.27 13.56 -20.54
C6 GTP C . 0.27 14.67 -21.51
O6 GTP C . 0.64 15.80 -21.19
N1 GTP C . -0.17 14.41 -22.74
C2 GTP C . -0.61 13.19 -23.12
N2 GTP C . -1.03 13.02 -24.39
N3 GTP C . -0.62 12.13 -22.28
C4 GTP C . -0.20 12.26 -21.02
NA NA D . -1.32 6.79 -13.49
MG MG E . 1.42 8.92 -10.63
PG GTP F . 5.62 -25.44 1.60
O1G GTP F . 4.92 -24.50 2.53
O2G GTP F . 4.74 -26.50 1.01
O3G GTP F . 6.91 -25.94 2.17
O3B GTP F . 6.11 -24.53 0.35
PB GTP F . 5.31 -23.28 -0.26
O1B GTP F . 4.18 -23.74 -1.11
O2B GTP F . 5.02 -22.29 0.82
O3A GTP F . 6.40 -22.65 -1.25
PA GTP F . 7.59 -21.65 -0.80
O1A GTP F . 8.37 -22.28 0.31
O2A GTP F . 7.04 -20.28 -0.62
O5' GTP F . 8.48 -21.62 -2.14
C5' GTP F . 9.23 -22.75 -2.51
C4' GTP F . 10.31 -22.36 -3.51
O4' GTP F . 9.72 -21.96 -4.75
C3' GTP F . 11.13 -21.17 -3.04
O3' GTP F . 12.46 -21.35 -3.51
C2' GTP F . 10.50 -20.00 -3.75
O2' GTP F . 11.40 -18.90 -3.93
C1' GTP F . 10.09 -20.63 -5.06
N9 GTP F . 8.95 -19.90 -5.64
C8 GTP F . 7.76 -19.69 -5.07
N7 GTP F . 6.95 -18.98 -5.88
C5 GTP F . 7.64 -18.73 -7.01
C6 GTP F . 7.37 -18.02 -8.26
O6 GTP F . 6.28 -17.48 -8.47
N1 GTP F . 8.36 -18.01 -9.16
C2 GTP F . 9.55 -18.59 -8.96
N2 GTP F . 10.48 -18.50 -9.93
N3 GTP F . 9.86 -19.24 -7.82
C4 GTP F . 8.95 -19.34 -6.83
NA NA G . 8.52 -24.55 0.96
MG MG H . 5.01 -22.62 2.87
#